data_2NPI
#
_entry.id   2NPI
#
_cell.length_a   88.967
_cell.length_b   94.993
_cell.length_c   181.404
_cell.angle_alpha   90.00
_cell.angle_beta   90.00
_cell.angle_gamma   90.00
#
_symmetry.space_group_name_H-M   'P 21 21 21'
#
loop_
_entity.id
_entity.type
_entity.pdbx_description
1 polymer 'Protein CLP1'
2 polymer 'Protein PCF11'
3 non-polymer 'MAGNESIUM ION'
4 non-polymer "ADENOSINE-5'-TRIPHOSPHATE"
5 water water
#
loop_
_entity_poly.entity_id
_entity_poly.type
_entity_poly.pdbx_seq_one_letter_code
_entity_poly.pdbx_strand_id
1 'polypeptide(L)'
;(MSE)GSSHHHHHHSQDPNSASLPGIDEHTTSEELITGDNEWHKLVIPKGSDWQIDLKAEGKLIVKVNSGIVEIFGTELA
VDDEYTFQNWKFPIYAVEETELLWKCPDLTTNTITVKPNHT(MSE)KYIYNLHF(MSE)LEKIR(MSE)SNFEGPRVVIV
GGSQTGKTSLSRTLCSYALKFNAYQPLYINLDPQQPIFTVPGCISATPISDILDAQLPTWGQSLTSGATLLHNKQP
(MSE)VKNFGLERINENKDLYLECISQLGQVVGQRLHLDPQVRRSGCIVDTPSISQLDENLAELHHIIEKLNVNI(MSE)
LVLCSETDPLWEKVKKTFGPELGNNNIFFIPKLDGVSAVDDVYKRSLQRTSIREYFYGSLDTALSPYAIGVDYEDLTIWK
PSNVFDNEVGRVELFPVTITPSNLQHAIIAITFAERRADQATVIKSPILGFALITEVNEKRRKLRVLLPVPGRLPSKA
(MSE)ILTSYRYLE
;
A,B
2 'polypeptide(L)'
;GSQNTANTGISNSNLNTTTTRKNIQSRNWYLSDSQWAAFKDDEITSTKHKNDYTDPHANKNIDKSALNIHADENDEGSVD
NTLGSDRSNELEIRGKYVVVPETSQD(MSE)AFK
;
C,D
#
loop_
_chem_comp.id
_chem_comp.type
_chem_comp.name
_chem_comp.formula
ATP non-polymer ADENOSINE-5'-TRIPHOSPHATE 'C10 H16 N5 O13 P3'
MG non-polymer 'MAGNESIUM ION' 'Mg 2'
#
# COMPACT_ATOMS: atom_id res chain seq x y z
N THR A 33 -17.59 -13.48 53.81
CA THR A 33 -17.33 -12.95 52.43
C THR A 33 -15.86 -13.17 52.03
N GLY A 34 -15.23 -12.14 51.48
CA GLY A 34 -13.82 -12.19 51.14
C GLY A 34 -12.96 -11.74 52.30
N ASP A 35 -12.30 -10.59 52.12
CA ASP A 35 -11.32 -10.05 53.06
C ASP A 35 -10.68 -8.78 52.50
N ASN A 36 -10.35 -7.84 53.37
CA ASN A 36 -9.74 -6.57 52.96
C ASN A 36 -8.25 -6.41 53.26
N GLU A 37 -7.52 -7.53 53.28
CA GLU A 37 -6.06 -7.47 53.34
C GLU A 37 -5.42 -8.23 52.17
N TRP A 38 -4.10 -8.11 52.05
CA TRP A 38 -3.36 -8.65 50.91
C TRP A 38 -3.17 -10.17 50.97
N HIS A 39 -3.09 -10.80 49.80
CA HIS A 39 -2.81 -12.22 49.69
C HIS A 39 -1.75 -12.48 48.62
N LYS A 40 -0.81 -13.37 48.91
CA LYS A 40 0.17 -13.80 47.92
C LYS A 40 -0.44 -14.81 46.96
N LEU A 41 -0.12 -14.67 45.68
CA LEU A 41 -0.57 -15.61 44.68
C LEU A 41 0.56 -15.89 43.70
N VAL A 42 1.11 -17.10 43.77
CA VAL A 42 2.13 -17.55 42.83
C VAL A 42 1.41 -18.14 41.63
N ILE A 43 1.56 -17.49 40.47
CA ILE A 43 0.84 -17.90 39.26
C ILE A 43 1.78 -18.52 38.22
N PRO A 44 1.70 -19.86 38.04
CA PRO A 44 2.59 -20.65 37.17
C PRO A 44 2.76 -20.08 35.76
N LYS A 45 3.95 -20.26 35.20
CA LYS A 45 4.25 -19.83 33.84
C LYS A 45 3.30 -20.47 32.84
N GLY A 46 2.70 -19.63 31.99
CA GLY A 46 1.79 -20.10 30.94
C GLY A 46 0.33 -20.25 31.38
N SER A 47 0.00 -19.68 32.53
CA SER A 47 -1.36 -19.78 33.09
C SER A 47 -2.08 -18.43 33.18
N ASP A 48 -3.41 -18.49 33.16
CA ASP A 48 -4.27 -17.32 33.31
C ASP A 48 -4.89 -17.28 34.70
N TRP A 49 -5.07 -16.08 35.24
CA TRP A 49 -5.84 -15.89 36.45
C TRP A 49 -7.33 -16.12 36.15
N GLN A 50 -7.88 -15.37 35.21
CA GLN A 50 -9.32 -15.43 34.87
C GLN A 50 -10.17 -14.86 36.00
N ILE A 51 -10.63 -13.62 35.81
CA ILE A 51 -11.28 -12.87 36.88
C ILE A 51 -12.64 -12.37 36.41
N ASP A 52 -13.65 -12.50 37.27
CA ASP A 52 -14.99 -11.99 36.99
C ASP A 52 -15.47 -11.09 38.11
N LEU A 53 -15.11 -9.81 38.02
CA LEU A 53 -15.55 -8.82 39.00
C LEU A 53 -16.94 -8.30 38.63
N LYS A 54 -17.79 -8.16 39.63
CA LYS A 54 -19.13 -7.62 39.42
C LYS A 54 -19.32 -6.29 40.15
N ALA A 55 -20.58 -5.90 40.36
CA ALA A 55 -20.95 -4.60 40.93
C ALA A 55 -20.06 -4.14 42.08
N GLU A 56 -19.53 -2.92 41.92
CA GLU A 56 -18.74 -2.22 42.97
C GLU A 56 -17.38 -2.86 43.31
N GLY A 57 -17.29 -4.18 43.14
CA GLY A 57 -16.08 -4.95 43.45
C GLY A 57 -14.82 -4.32 42.90
N LYS A 58 -13.87 -4.08 43.80
CA LYS A 58 -12.61 -3.42 43.47
C LYS A 58 -11.42 -4.35 43.76
N LEU A 59 -10.65 -4.67 42.71
CA LEU A 59 -9.49 -5.54 42.83
C LEU A 59 -8.20 -4.75 42.65
N ILE A 60 -7.39 -4.67 43.69
CA ILE A 60 -6.07 -4.05 43.60
C ILE A 60 -5.02 -5.14 43.46
N VAL A 61 -4.14 -4.99 42.46
CA VAL A 61 -3.06 -5.95 42.21
C VAL A 61 -1.69 -5.27 42.21
N LYS A 62 -0.71 -5.93 42.85
CA LYS A 62 0.67 -5.45 42.90
C LYS A 62 1.64 -6.60 42.65
N VAL A 63 2.45 -6.47 41.61
CA VAL A 63 3.43 -7.49 41.27
C VAL A 63 4.76 -7.14 41.92
N ASN A 64 5.43 -8.14 42.49
CA ASN A 64 6.77 -7.94 43.05
C ASN A 64 7.85 -8.85 42.45
N SER A 65 7.44 -9.75 41.56
CA SER A 65 8.36 -10.55 40.76
C SER A 65 7.64 -11.18 39.56
N GLY A 66 8.34 -11.26 38.42
CA GLY A 66 7.81 -11.94 37.24
C GLY A 66 7.26 -11.04 36.13
N ILE A 67 6.64 -11.67 35.13
CA ILE A 67 6.11 -10.98 33.96
C ILE A 67 4.65 -11.35 33.75
N VAL A 68 3.77 -10.37 33.85
CA VAL A 68 2.33 -10.58 33.66
C VAL A 68 1.70 -9.62 32.65
N GLU A 69 0.87 -10.19 31.77
CA GLU A 69 0.19 -9.42 30.73
C GLU A 69 -1.33 -9.45 30.92
N ILE A 70 -1.98 -8.35 30.60
CA ILE A 70 -3.43 -8.32 30.45
C ILE A 70 -3.71 -8.00 28.99
N PHE A 71 -4.02 -9.06 28.24
CA PHE A 71 -4.15 -9.00 26.77
C PHE A 71 -2.92 -8.35 26.11
N GLY A 72 -1.73 -8.73 26.60
CA GLY A 72 -0.47 -8.26 26.04
C GLY A 72 0.20 -7.12 26.79
N THR A 73 -0.59 -6.32 27.49
CA THR A 73 -0.05 -5.19 28.26
C THR A 73 0.61 -5.66 29.56
N GLU A 74 1.91 -5.40 29.65
CA GLU A 74 2.71 -5.73 30.83
C GLU A 74 2.32 -4.92 32.06
N LEU A 75 2.37 -5.56 33.22
CA LEU A 75 2.17 -4.87 34.49
C LEU A 75 3.53 -4.44 35.06
N ALA A 76 3.64 -3.16 35.42
CA ALA A 76 4.85 -2.63 36.02
C ALA A 76 5.04 -3.20 37.42
N VAL A 77 6.29 -3.53 37.76
CA VAL A 77 6.62 -4.13 39.04
C VAL A 77 6.58 -3.09 40.16
N ASP A 78 5.93 -3.47 41.25
CA ASP A 78 5.94 -2.71 42.51
C ASP A 78 4.98 -1.52 42.61
N ASP A 79 4.04 -1.39 41.68
CA ASP A 79 2.97 -0.40 41.86
C ASP A 79 1.56 -0.97 41.67
N GLU A 80 0.58 -0.28 42.25
CA GLU A 80 -0.78 -0.78 42.37
C GLU A 80 -1.61 -0.58 41.12
N TYR A 81 -2.21 -1.67 40.66
CA TYR A 81 -3.19 -1.65 39.58
C TYR A 81 -4.56 -1.94 40.18
N THR A 82 -5.59 -1.29 39.64
CA THR A 82 -6.92 -1.39 40.23
C THR A 82 -7.96 -1.71 39.16
N PHE A 83 -8.82 -2.69 39.44
CA PHE A 83 -9.76 -3.18 38.44
C PHE A 83 -11.21 -3.13 38.92
N GLN A 84 -12.11 -2.73 38.02
CA GLN A 84 -13.52 -2.57 38.35
C GLN A 84 -14.45 -3.07 37.26
N ASN A 85 -15.43 -3.89 37.66
CA ASN A 85 -16.58 -4.30 36.84
C ASN A 85 -16.30 -4.82 35.42
N TRP A 86 -15.31 -5.71 35.28
CA TRP A 86 -15.08 -6.43 34.01
C TRP A 86 -14.38 -7.76 34.18
N LYS A 87 -14.67 -8.69 33.27
CA LYS A 87 -14.01 -10.00 33.25
C LYS A 87 -12.75 -9.95 32.41
N PHE A 88 -11.64 -10.46 32.95
CA PHE A 88 -10.33 -10.37 32.30
C PHE A 88 -9.32 -11.39 32.85
N PRO A 89 -8.47 -11.94 31.96
CA PRO A 89 -7.34 -12.77 32.37
C PRO A 89 -6.09 -11.97 32.71
N ILE A 90 -5.40 -12.39 33.77
CA ILE A 90 -4.02 -11.96 33.99
C ILE A 90 -3.12 -13.16 33.64
N TYR A 91 -2.30 -12.99 32.60
CA TYR A 91 -1.47 -14.06 32.07
C TYR A 91 -0.04 -14.00 32.60
N ALA A 92 0.53 -15.16 32.91
CA ALA A 92 1.90 -15.25 33.41
C ALA A 92 2.88 -15.67 32.31
N VAL A 93 3.62 -14.70 31.77
CA VAL A 93 4.64 -14.96 30.76
C VAL A 93 5.82 -15.68 31.42
N GLU A 94 6.20 -15.22 32.61
CA GLU A 94 7.27 -15.83 33.38
C GLU A 94 6.76 -16.30 34.75
N GLU A 95 7.70 -16.64 35.64
CA GLU A 95 7.44 -17.29 36.93
C GLU A 95 6.34 -16.62 37.77
N THR A 96 6.56 -15.38 38.18
CA THR A 96 5.53 -14.47 38.72
C THR A 96 4.84 -14.79 40.06
N GLU A 97 5.12 -13.95 41.06
CA GLU A 97 4.27 -13.88 42.25
C GLU A 97 3.75 -12.44 42.42
N LEU A 98 2.53 -12.33 42.94
CA LEU A 98 1.89 -11.03 43.12
C LEU A 98 1.11 -10.96 44.44
N LEU A 99 0.82 -9.72 44.85
CA LEU A 99 -0.06 -9.46 45.99
C LEU A 99 -1.36 -8.86 45.47
N TRP A 100 -2.48 -9.37 45.98
CA TRP A 100 -3.80 -8.88 45.58
C TRP A 100 -4.70 -8.64 46.77
N LYS A 101 -5.63 -7.68 46.63
CA LYS A 101 -6.68 -7.48 47.62
C LYS A 101 -8.04 -7.18 47.00
N CYS A 102 -9.05 -7.88 47.51
CA CYS A 102 -10.43 -7.77 47.02
C CYS A 102 -11.39 -8.42 48.02
N PRO A 103 -12.37 -7.66 48.52
CA PRO A 103 -13.38 -8.17 49.44
C PRO A 103 -14.34 -9.16 48.77
N ASP A 104 -14.34 -9.20 47.45
CA ASP A 104 -15.25 -10.05 46.70
C ASP A 104 -14.60 -11.35 46.23
N LEU A 105 -13.33 -11.55 46.59
CA LEU A 105 -12.61 -12.77 46.24
C LEU A 105 -11.85 -13.36 47.43
N THR A 106 -11.65 -14.68 47.37
CA THR A 106 -10.93 -15.42 48.40
C THR A 106 -10.07 -16.51 47.72
N THR A 107 -9.08 -17.00 48.44
CA THR A 107 -8.20 -18.08 47.97
C THR A 107 -8.98 -19.32 47.52
N ASN A 108 -10.11 -19.58 48.18
CA ASN A 108 -10.98 -20.73 47.87
C ASN A 108 -11.37 -20.82 46.39
N THR A 109 -12.11 -19.81 45.91
CA THR A 109 -12.46 -19.70 44.50
C THR A 109 -11.57 -18.63 43.88
N ILE A 110 -10.50 -19.08 43.23
CA ILE A 110 -9.51 -18.16 42.69
C ILE A 110 -9.32 -18.30 41.18
N THR A 111 -9.42 -19.54 40.67
CA THR A 111 -9.25 -19.87 39.25
C THR A 111 -7.85 -19.52 38.70
N VAL A 112 -7.04 -20.55 38.48
CA VAL A 112 -5.74 -20.40 37.84
C VAL A 112 -5.57 -21.56 36.86
N LYS A 113 -5.90 -21.33 35.59
CA LYS A 113 -5.88 -22.39 34.59
C LYS A 113 -4.84 -22.15 33.51
N PRO A 114 -4.10 -23.22 33.12
CA PRO A 114 -3.07 -23.10 32.09
C PRO A 114 -3.62 -22.80 30.70
N ASN A 115 -3.15 -21.70 30.10
CA ASN A 115 -3.53 -21.33 28.74
C ASN A 115 -2.64 -22.03 27.73
N HIS A 116 -3.25 -22.63 26.72
CA HIS A 116 -2.53 -23.39 25.70
C HIS A 116 -2.52 -22.71 24.34
N THR A 117 -3.61 -22.00 24.03
CA THR A 117 -3.75 -21.32 22.75
C THR A 117 -2.96 -20.01 22.67
N MSE A 118 -2.09 -19.78 23.64
CA MSE A 118 -1.30 -18.54 23.70
C MSE A 118 -0.25 -18.50 22.60
O MSE A 118 -0.02 -17.44 22.01
CB MSE A 118 -0.66 -18.38 25.08
CG MSE A 118 -0.31 -16.94 25.41
SE MSE A 118 -1.81 -15.74 25.12
CE MSE A 118 -2.79 -16.03 26.78
N LYS A 119 0.39 -19.64 22.35
CA LYS A 119 1.44 -19.73 21.32
C LYS A 119 0.88 -19.43 19.93
N TYR A 120 -0.39 -19.74 19.73
CA TYR A 120 -1.10 -19.40 18.50
C TYR A 120 -1.07 -17.90 18.25
N ILE A 121 -1.29 -17.12 19.30
CA ILE A 121 -1.25 -15.65 19.21
C ILE A 121 0.18 -15.14 18.99
N TYR A 122 1.16 -15.86 19.55
CA TYR A 122 2.57 -15.48 19.39
C TYR A 122 3.04 -15.58 17.95
N ASN A 123 3.12 -16.80 17.42
CA ASN A 123 3.58 -16.98 16.04
C ASN A 123 2.54 -16.55 15.00
N LEU A 124 1.56 -15.76 15.46
CA LEU A 124 0.66 -15.04 14.57
C LEU A 124 1.07 -13.57 14.52
N HIS A 125 1.62 -13.09 15.62
CA HIS A 125 2.14 -11.73 15.68
C HIS A 125 3.43 -11.60 14.89
N PHE A 126 4.38 -12.50 15.15
CA PHE A 126 5.67 -12.50 14.45
C PHE A 126 5.47 -12.83 12.97
N MSE A 127 4.32 -13.40 12.67
CA MSE A 127 3.87 -13.61 11.30
C MSE A 127 3.51 -12.25 10.70
O MSE A 127 3.93 -11.93 9.59
CB MSE A 127 2.68 -14.55 11.31
CG MSE A 127 2.58 -15.46 10.10
SE MSE A 127 1.28 -14.80 8.81
CE MSE A 127 2.03 -15.69 7.22
N LEU A 128 2.76 -11.45 11.44
CA LEU A 128 2.42 -10.08 11.05
C LEU A 128 3.65 -9.16 11.04
N GLU A 129 4.53 -9.33 12.03
CA GLU A 129 5.74 -8.50 12.14
C GLU A 129 6.74 -8.75 11.00
N LYS A 130 6.65 -9.92 10.37
CA LYS A 130 7.46 -10.23 9.21
C LYS A 130 6.92 -9.49 7.98
N ILE A 131 5.59 -9.39 7.89
CA ILE A 131 4.91 -8.63 6.83
C ILE A 131 5.23 -7.15 6.95
N ARG A 132 5.30 -6.64 8.18
CA ARG A 132 5.56 -5.22 8.43
C ARG A 132 6.92 -4.75 7.93
N MSE A 133 7.93 -5.61 8.03
CA MSE A 133 9.30 -5.23 7.68
C MSE A 133 9.74 -5.66 6.28
O MSE A 133 10.73 -5.13 5.76
CB MSE A 133 10.28 -5.78 8.71
CG MSE A 133 10.22 -7.30 8.87
SE MSE A 133 11.68 -7.99 9.96
CE MSE A 133 12.98 -8.45 8.55
N SER A 134 9.02 -6.59 5.67
CA SER A 134 9.36 -7.08 4.34
C SER A 134 8.55 -6.40 3.24
N ASN A 135 7.27 -6.17 3.51
CA ASN A 135 6.36 -5.56 2.53
C ASN A 135 6.49 -4.05 2.49
N PHE A 136 5.95 -3.44 1.43
CA PHE A 136 6.04 -2.00 1.22
C PHE A 136 5.21 -1.26 2.25
N GLU A 137 4.06 -1.84 2.59
CA GLU A 137 3.21 -1.35 3.68
C GLU A 137 2.66 -2.52 4.48
N GLY A 138 2.39 -2.26 5.77
CA GLY A 138 1.98 -3.30 6.71
C GLY A 138 0.68 -4.01 6.37
N PRO A 139 0.39 -5.10 7.09
CA PRO A 139 -0.80 -5.89 6.86
C PRO A 139 -2.07 -5.22 7.38
N ARG A 140 -3.20 -5.54 6.73
CA ARG A 140 -4.50 -5.08 7.18
C ARG A 140 -5.41 -6.28 7.41
N VAL A 141 -5.53 -6.67 8.67
CA VAL A 141 -6.14 -7.93 9.06
C VAL A 141 -7.55 -7.72 9.56
N VAL A 142 -8.50 -8.56 9.12
CA VAL A 142 -9.81 -8.65 9.78
C VAL A 142 -9.84 -9.86 10.66
N ILE A 143 -10.30 -9.67 11.90
CA ILE A 143 -10.47 -10.79 12.80
C ILE A 143 -11.94 -11.11 12.86
N VAL A 144 -12.30 -12.24 12.25
CA VAL A 144 -13.68 -12.65 12.06
C VAL A 144 -13.95 -13.93 12.84
N GLY A 145 -15.10 -14.00 13.49
CA GLY A 145 -15.45 -15.20 14.25
C GLY A 145 -16.85 -15.21 14.84
N GLY A 146 -17.20 -16.32 15.48
CA GLY A 146 -18.49 -16.48 16.14
C GLY A 146 -18.62 -15.61 17.38
N SER A 147 -19.78 -15.71 18.03
CA SER A 147 -20.04 -14.94 19.24
C SER A 147 -19.12 -15.42 20.37
N GLN A 148 -18.47 -14.47 21.03
CA GLN A 148 -17.48 -14.77 22.09
C GLN A 148 -16.47 -15.84 21.70
N THR A 149 -15.63 -15.53 20.72
CA THR A 149 -14.59 -16.46 20.28
C THR A 149 -13.18 -15.98 20.61
N GLY A 150 -13.06 -14.67 20.89
CA GLY A 150 -11.78 -14.07 21.27
C GLY A 150 -11.31 -12.93 20.38
N LYS A 151 -12.14 -12.53 19.41
CA LYS A 151 -11.83 -11.46 18.46
C LYS A 151 -11.17 -10.25 19.12
N THR A 152 -11.94 -9.56 19.96
CA THR A 152 -11.49 -8.32 20.59
C THR A 152 -10.23 -8.56 21.42
N SER A 153 -10.25 -9.63 22.20
CA SER A 153 -9.10 -9.98 23.04
C SER A 153 -7.87 -10.22 22.17
N LEU A 154 -8.07 -10.92 21.06
CA LEU A 154 -7.01 -11.22 20.11
C LEU A 154 -6.53 -9.95 19.43
N SER A 155 -7.47 -9.06 19.12
CA SER A 155 -7.17 -7.76 18.53
C SER A 155 -6.30 -6.96 19.50
N ARG A 156 -6.70 -6.94 20.77
CA ARG A 156 -6.00 -6.17 21.79
C ARG A 156 -4.59 -6.67 21.98
N THR A 157 -4.43 -7.99 22.02
CA THR A 157 -3.13 -8.60 22.28
C THR A 157 -2.18 -8.32 21.13
N LEU A 158 -2.68 -8.39 19.90
CA LEU A 158 -1.88 -8.14 18.70
C LEU A 158 -1.42 -6.69 18.61
N CYS A 159 -2.30 -5.76 18.97
CA CYS A 159 -1.93 -4.36 19.13
C CYS A 159 -0.92 -4.21 20.26
N SER A 160 -1.28 -4.77 21.41
CA SER A 160 -0.52 -4.65 22.64
C SER A 160 0.97 -4.90 22.41
N TYR A 161 1.31 -5.95 21.66
CA TYR A 161 2.71 -6.13 21.29
C TYR A 161 3.08 -6.15 19.81
N ALA A 162 2.39 -5.35 19.02
CA ALA A 162 2.94 -4.89 17.76
C ALA A 162 3.85 -3.72 18.14
N LEU A 163 3.55 -3.14 19.30
CA LEU A 163 4.25 -1.99 19.84
C LEU A 163 5.41 -2.41 20.74
N LYS A 164 5.24 -3.54 21.44
CA LYS A 164 6.19 -3.98 22.46
C LYS A 164 7.53 -4.41 21.88
N PHE A 165 7.52 -5.00 20.70
CA PHE A 165 8.71 -5.66 20.20
C PHE A 165 9.62 -4.79 19.31
N ASN A 166 9.04 -4.11 18.33
CA ASN A 166 9.82 -3.21 17.47
C ASN A 166 9.15 -1.86 17.18
N ALA A 167 8.39 -1.37 18.17
CA ALA A 167 7.83 -0.01 18.18
C ALA A 167 7.04 0.42 16.93
N TYR A 168 5.99 -0.33 16.63
CA TYR A 168 5.05 0.03 15.57
C TYR A 168 3.84 0.73 16.15
N GLN A 169 3.07 1.39 15.28
CA GLN A 169 1.79 1.98 15.64
C GLN A 169 0.73 1.37 14.76
N PRO A 170 0.24 0.17 15.11
CA PRO A 170 -0.83 -0.41 14.31
C PRO A 170 -2.10 0.42 14.44
N LEU A 171 -2.81 0.59 13.34
CA LEU A 171 -4.09 1.26 13.42
C LEU A 171 -5.13 0.22 13.84
N TYR A 172 -5.77 0.45 14.98
CA TYR A 172 -6.83 -0.45 15.43
C TYR A 172 -8.22 0.03 15.05
N ILE A 173 -8.94 -0.80 14.31
CA ILE A 173 -10.26 -0.44 13.82
C ILE A 173 -11.34 -1.31 14.47
N ASN A 174 -12.10 -0.69 15.37
CA ASN A 174 -13.22 -1.35 16.01
C ASN A 174 -14.48 -1.13 15.18
N LEU A 175 -15.04 -2.21 14.66
CA LEU A 175 -16.23 -2.12 13.83
C LEU A 175 -17.50 -2.64 14.51
N ASP A 176 -17.46 -2.75 15.83
CA ASP A 176 -18.59 -3.28 16.61
C ASP A 176 -19.15 -2.21 17.56
N PRO A 177 -20.16 -1.45 17.11
CA PRO A 177 -20.77 -0.36 17.88
C PRO A 177 -21.15 -0.71 19.33
N GLN A 178 -21.56 -1.95 19.58
CA GLN A 178 -21.92 -2.37 20.94
C GLN A 178 -20.72 -2.38 21.89
N GLN A 179 -19.52 -2.44 21.34
CA GLN A 179 -18.28 -2.52 22.12
C GLN A 179 -17.59 -1.16 22.24
N PRO A 180 -17.62 -0.55 23.44
CA PRO A 180 -16.98 0.75 23.59
C PRO A 180 -15.47 0.62 23.80
N ILE A 181 -14.69 1.26 22.93
CA ILE A 181 -13.24 1.22 22.99
C ILE A 181 -12.71 2.60 22.63
N PHE A 182 -12.01 3.20 23.58
CA PHE A 182 -11.50 4.59 23.48
C PHE A 182 -12.58 5.68 23.43
N THR A 183 -13.83 5.28 23.25
CA THR A 183 -14.95 6.22 23.11
C THR A 183 -16.15 5.75 23.91
N VAL A 184 -17.31 6.34 23.59
CA VAL A 184 -18.60 5.87 24.06
C VAL A 184 -19.10 4.78 23.10
N PRO A 185 -20.20 4.07 23.47
CA PRO A 185 -20.73 3.01 22.60
C PRO A 185 -21.37 3.54 21.32
N GLY A 186 -21.87 2.63 20.50
CA GLY A 186 -22.66 2.97 19.31
C GLY A 186 -21.91 3.64 18.18
N CYS A 187 -20.60 3.40 18.09
CA CYS A 187 -19.82 3.95 17.00
C CYS A 187 -18.61 3.12 16.67
N ILE A 188 -18.28 3.09 15.38
CA ILE A 188 -17.07 2.47 14.87
C ILE A 188 -15.94 3.48 14.96
N SER A 189 -14.71 3.00 15.15
CA SER A 189 -13.57 3.89 15.37
C SER A 189 -12.25 3.34 14.82
N ALA A 190 -11.35 4.26 14.47
CA ALA A 190 -9.98 3.90 14.12
C ALA A 190 -9.02 4.62 15.06
N THR A 191 -8.16 3.86 15.74
CA THR A 191 -7.22 4.45 16.69
C THR A 191 -5.82 3.85 16.56
N PRO A 192 -4.81 4.72 16.30
CA PRO A 192 -3.41 4.31 16.24
C PRO A 192 -2.90 4.01 17.64
N ILE A 193 -2.10 2.96 17.76
CA ILE A 193 -1.51 2.60 19.05
C ILE A 193 -0.18 3.33 19.23
N SER A 194 -0.26 4.51 19.86
CA SER A 194 0.89 5.37 20.08
C SER A 194 1.91 4.70 20.98
N ASP A 195 1.53 4.48 22.24
CA ASP A 195 2.27 3.59 23.14
C ASP A 195 1.31 2.80 24.04
N ILE A 196 1.83 2.20 25.12
CA ILE A 196 1.11 1.25 25.98
C ILE A 196 -0.38 1.58 26.23
N LEU A 197 -1.21 0.55 26.15
CA LEU A 197 -2.61 0.62 26.54
C LEU A 197 -2.75 0.63 28.06
N ASP A 198 -3.90 1.08 28.55
CA ASP A 198 -4.21 0.97 29.97
C ASP A 198 -4.69 -0.45 30.27
N ALA A 199 -3.87 -1.17 31.03
CA ALA A 199 -4.16 -2.55 31.39
C ALA A 199 -5.40 -2.67 32.28
N GLN A 200 -5.66 -1.64 33.08
CA GLN A 200 -6.75 -1.68 34.04
C GLN A 200 -8.08 -1.15 33.49
N LEU A 201 -8.24 -1.18 32.17
CA LEU A 201 -9.47 -0.70 31.54
C LEU A 201 -10.01 -1.65 30.50
N PRO A 202 -11.30 -2.00 30.61
CA PRO A 202 -11.99 -2.79 29.57
C PRO A 202 -12.09 -2.02 28.26
N THR A 203 -11.95 -0.70 28.33
CA THR A 203 -12.05 0.16 27.17
C THR A 203 -10.69 0.47 26.54
N TRP A 204 -9.68 -0.29 26.95
CA TRP A 204 -8.31 -0.22 26.39
C TRP A 204 -7.53 0.99 26.89
N GLY A 205 -8.16 2.15 26.86
CA GLY A 205 -7.56 3.40 27.28
C GLY A 205 -8.59 4.49 27.14
N GLN A 206 -8.13 5.72 26.84
CA GLN A 206 -9.03 6.84 26.65
C GLN A 206 -8.48 7.92 25.71
N SER A 207 -9.39 8.76 25.19
CA SER A 207 -9.06 9.87 24.30
C SER A 207 -8.18 10.91 24.97
N LEU A 208 -7.64 11.84 24.18
CA LEU A 208 -6.78 12.90 24.69
C LEU A 208 -7.48 13.80 25.71
N THR A 209 -6.71 14.39 26.61
CA THR A 209 -7.23 15.28 27.65
C THR A 209 -6.50 16.63 27.66
N SER A 210 -7.02 17.59 28.42
CA SER A 210 -6.54 18.97 28.39
C SER A 210 -5.10 19.17 28.89
N GLY A 211 -4.67 18.34 29.84
CA GLY A 211 -3.31 18.42 30.38
C GLY A 211 -2.43 17.26 29.92
N ALA A 212 -1.48 16.88 30.75
CA ALA A 212 -0.62 15.71 30.51
C ALA A 212 -0.80 14.68 31.62
N THR A 213 -0.85 13.40 31.23
CA THR A 213 -1.12 12.31 32.16
C THR A 213 0.02 11.28 32.22
N LEU A 214 -0.02 10.41 33.22
CA LEU A 214 0.99 9.37 33.37
C LEU A 214 0.88 8.26 32.31
N LEU A 215 -0.17 8.33 31.50
CA LEU A 215 -0.33 7.47 30.33
C LEU A 215 -0.64 8.31 29.10
N HIS A 216 0.08 8.06 28.01
CA HIS A 216 -0.15 8.78 26.75
C HIS A 216 -1.45 8.33 26.13
N ASN A 217 -2.45 9.22 26.17
CA ASN A 217 -3.77 8.93 25.63
C ASN A 217 -3.77 8.83 24.11
N LYS A 218 -4.91 8.43 23.55
CA LYS A 218 -5.01 8.18 22.12
C LYS A 218 -5.89 9.19 21.39
N GLN A 219 -5.62 9.39 20.09
CA GLN A 219 -6.43 10.22 19.21
C GLN A 219 -7.31 9.35 18.31
N PRO A 220 -8.58 9.15 18.70
CA PRO A 220 -9.47 8.28 17.95
C PRO A 220 -10.15 8.97 16.77
N MSE A 221 -10.64 8.16 15.83
CA MSE A 221 -11.39 8.63 14.67
C MSE A 221 -12.78 7.98 14.75
O MSE A 221 -12.94 6.82 14.37
CB MSE A 221 -10.70 8.20 13.39
CG MSE A 221 -10.79 9.16 12.20
SE MSE A 221 -12.39 10.26 12.08
CE MSE A 221 -11.65 11.94 12.73
N VAL A 222 -13.76 8.74 15.22
CA VAL A 222 -15.10 8.20 15.52
C VAL A 222 -16.09 8.54 14.40
N LYS A 223 -17.06 7.66 14.17
CA LYS A 223 -18.05 7.85 13.10
C LYS A 223 -19.52 7.87 13.49
N ASN A 224 -19.87 7.18 14.57
CA ASN A 224 -21.24 7.21 15.13
C ASN A 224 -22.31 6.48 14.31
N PHE A 225 -22.54 5.23 14.67
CA PHE A 225 -23.68 4.48 14.17
C PHE A 225 -24.92 5.00 14.88
N GLY A 226 -24.83 5.09 16.21
CA GLY A 226 -25.88 5.69 17.03
C GLY A 226 -26.94 4.75 17.55
N LEU A 227 -27.11 3.60 16.90
CA LEU A 227 -28.19 2.67 17.22
C LEU A 227 -27.75 1.46 18.04
N GLU A 228 -28.72 0.76 18.61
CA GLU A 228 -28.51 -0.39 19.52
C GLU A 228 -27.65 -1.49 18.91
N ARG A 229 -28.01 -1.92 17.71
CA ARG A 229 -27.31 -3.00 17.02
C ARG A 229 -27.37 -2.84 15.49
N ILE A 230 -26.43 -3.46 14.80
CA ILE A 230 -26.27 -3.32 13.34
C ILE A 230 -27.57 -3.50 12.54
N ASN A 231 -28.35 -4.53 12.89
CA ASN A 231 -29.56 -4.87 12.15
C ASN A 231 -30.64 -3.79 12.15
N GLU A 232 -30.44 -2.71 12.91
CA GLU A 232 -31.41 -1.62 12.98
C GLU A 232 -31.35 -0.65 11.79
N ASN A 233 -30.17 -0.53 11.18
CA ASN A 233 -29.98 0.18 9.91
C ASN A 233 -28.75 -0.32 9.17
N LYS A 234 -28.98 -1.23 8.24
CA LYS A 234 -27.92 -1.94 7.52
C LYS A 234 -27.09 -1.05 6.62
N ASP A 235 -27.77 -0.18 5.87
CA ASP A 235 -27.12 0.71 4.90
C ASP A 235 -26.31 1.80 5.61
N LEU A 236 -26.86 2.28 6.72
CA LEU A 236 -26.21 3.32 7.53
C LEU A 236 -24.93 2.81 8.17
N TYR A 237 -24.96 1.55 8.62
CA TYR A 237 -23.77 0.89 9.16
C TYR A 237 -22.67 0.77 8.13
N LEU A 238 -23.05 0.40 6.90
CA LEU A 238 -22.11 0.30 5.79
C LEU A 238 -21.64 1.68 5.35
N GLU A 239 -22.52 2.67 5.50
CA GLU A 239 -22.17 4.06 5.20
C GLU A 239 -21.13 4.58 6.17
N CYS A 240 -21.23 4.16 7.43
CA CYS A 240 -20.22 4.42 8.44
C CYS A 240 -18.86 3.87 8.02
N ILE A 241 -18.82 2.58 7.71
CA ILE A 241 -17.61 1.93 7.22
C ILE A 241 -17.07 2.66 5.98
N SER A 242 -17.96 3.04 5.07
CA SER A 242 -17.55 3.79 3.89
C SER A 242 -16.71 5.02 4.23
N GLN A 243 -17.25 5.91 5.05
CA GLN A 243 -16.53 7.16 5.35
C GLN A 243 -15.38 6.99 6.36
N LEU A 244 -15.45 5.98 7.21
CA LEU A 244 -14.34 5.66 8.12
C LEU A 244 -13.15 5.18 7.32
N GLY A 245 -13.42 4.30 6.35
CA GLY A 245 -12.40 3.78 5.45
C GLY A 245 -11.69 4.88 4.69
N GLN A 246 -12.47 5.83 4.18
CA GLN A 246 -11.91 6.97 3.46
C GLN A 246 -10.89 7.74 4.30
N VAL A 247 -11.29 8.14 5.50
CA VAL A 247 -10.40 8.88 6.41
C VAL A 247 -9.16 8.04 6.75
N VAL A 248 -9.37 6.78 7.12
CA VAL A 248 -8.26 5.87 7.40
C VAL A 248 -7.21 5.92 6.29
N GLY A 249 -7.68 5.86 5.04
CA GLY A 249 -6.81 5.96 3.88
C GLY A 249 -5.99 7.23 3.85
N GLN A 250 -6.65 8.35 4.14
CA GLN A 250 -6.00 9.66 4.12
C GLN A 250 -4.89 9.81 5.15
N ARG A 251 -5.03 9.15 6.29
CA ARG A 251 -3.93 9.13 7.27
C ARG A 251 -2.82 8.20 6.82
N LEU A 252 -3.19 6.98 6.41
CA LEU A 252 -2.22 6.03 5.89
C LEU A 252 -1.39 6.64 4.77
N HIS A 253 -2.02 7.42 3.92
CA HIS A 253 -1.32 8.12 2.84
C HIS A 253 -0.34 9.16 3.39
N LEU A 254 -0.69 9.78 4.51
CA LEU A 254 0.11 10.87 5.08
C LEU A 254 1.05 10.47 6.22
N ASP A 255 0.70 9.44 6.99
CA ASP A 255 1.53 8.99 8.12
C ASP A 255 2.39 7.78 7.75
N PRO A 256 3.72 7.98 7.65
CA PRO A 256 4.61 6.89 7.25
C PRO A 256 4.61 5.75 8.26
N GLN A 257 4.63 6.08 9.55
CA GLN A 257 4.73 5.07 10.60
C GLN A 257 3.51 4.17 10.69
N VAL A 258 2.30 4.75 10.65
CA VAL A 258 1.07 3.98 10.72
C VAL A 258 0.88 3.08 9.49
N ARG A 259 1.21 3.62 8.32
CA ARG A 259 1.20 2.88 7.05
C ARG A 259 2.20 1.73 7.04
N ARG A 260 3.43 2.01 7.49
CA ARG A 260 4.46 0.98 7.65
C ARG A 260 3.99 -0.07 8.65
N SER A 261 3.37 0.39 9.74
CA SER A 261 2.77 -0.49 10.74
C SER A 261 1.60 -1.27 10.16
N GLY A 262 1.08 -2.20 10.95
CA GLY A 262 -0.06 -2.98 10.51
C GLY A 262 -1.38 -2.22 10.52
N CYS A 263 -2.46 -2.98 10.67
CA CYS A 263 -3.81 -2.45 10.72
C CYS A 263 -4.71 -3.60 11.12
N ILE A 264 -5.24 -3.54 12.34
CA ILE A 264 -5.98 -4.67 12.90
C ILE A 264 -7.46 -4.33 13.05
N VAL A 265 -8.28 -5.01 12.26
CA VAL A 265 -9.69 -4.72 12.14
C VAL A 265 -10.53 -5.77 12.87
N ASP A 266 -11.22 -5.32 13.91
CA ASP A 266 -12.08 -6.17 14.73
C ASP A 266 -13.52 -6.02 14.28
N THR A 267 -14.17 -7.14 14.03
CA THR A 267 -15.56 -7.18 13.57
C THR A 267 -16.49 -7.74 14.64
N PRO A 268 -17.82 -7.48 14.50
CA PRO A 268 -18.79 -8.16 15.35
C PRO A 268 -18.91 -9.62 14.94
N SER A 269 -19.62 -10.42 15.72
CA SER A 269 -19.82 -11.84 15.40
C SER A 269 -20.67 -12.01 14.16
N ILE A 270 -20.40 -13.07 13.39
CA ILE A 270 -21.14 -13.31 12.15
C ILE A 270 -22.61 -13.66 12.38
N SER A 271 -23.00 -13.82 13.64
CA SER A 271 -24.41 -13.96 14.02
C SER A 271 -25.11 -12.59 14.10
N GLN A 272 -24.36 -11.52 13.81
CA GLN A 272 -24.90 -10.18 13.74
C GLN A 272 -25.01 -9.70 12.30
N LEU A 273 -24.57 -10.55 11.37
CA LEU A 273 -24.52 -10.20 9.96
C LEU A 273 -25.35 -11.15 9.09
N ASP A 274 -25.28 -10.98 7.78
CA ASP A 274 -26.04 -11.80 6.83
C ASP A 274 -25.39 -13.17 6.61
N GLU A 275 -26.19 -14.15 6.17
CA GLU A 275 -25.72 -15.50 5.87
C GLU A 275 -24.58 -15.50 4.83
N ASN A 276 -24.80 -14.80 3.73
CA ASN A 276 -23.79 -14.66 2.68
C ASN A 276 -22.61 -13.78 3.12
N LEU A 277 -22.82 -13.02 4.19
CA LEU A 277 -21.82 -12.11 4.73
C LEU A 277 -21.50 -10.97 3.75
N ALA A 278 -22.53 -10.28 3.30
CA ALA A 278 -22.39 -9.17 2.36
C ALA A 278 -21.63 -7.99 2.97
N GLU A 279 -21.74 -7.86 4.30
CA GLU A 279 -21.11 -6.78 5.03
C GLU A 279 -19.59 -6.93 5.04
N LEU A 280 -19.11 -8.15 5.24
CA LEU A 280 -17.68 -8.43 5.26
C LEU A 280 -16.99 -8.05 3.96
N HIS A 281 -17.63 -8.36 2.83
CA HIS A 281 -17.15 -7.93 1.53
C HIS A 281 -16.92 -6.43 1.50
N HIS A 282 -17.90 -5.69 2.00
CA HIS A 282 -17.85 -4.24 2.04
C HIS A 282 -16.77 -3.72 2.99
N ILE A 283 -16.55 -4.43 4.09
CA ILE A 283 -15.47 -4.08 5.02
C ILE A 283 -14.14 -4.26 4.30
N ILE A 284 -13.96 -5.44 3.69
CA ILE A 284 -12.74 -5.79 2.98
C ILE A 284 -12.34 -4.79 1.90
N GLU A 285 -13.31 -4.36 1.08
CA GLU A 285 -13.03 -3.44 -0.03
C GLU A 285 -12.74 -2.01 0.44
N LYS A 286 -13.56 -1.50 1.36
CA LYS A 286 -13.43 -0.11 1.80
C LYS A 286 -12.24 0.13 2.71
N LEU A 287 -11.84 -0.89 3.45
CA LEU A 287 -10.69 -0.78 4.37
C LEU A 287 -9.42 -1.44 3.83
N ASN A 288 -9.45 -1.83 2.55
CA ASN A 288 -8.32 -2.47 1.87
C ASN A 288 -7.70 -3.64 2.63
N VAL A 289 -8.54 -4.57 3.07
CA VAL A 289 -8.09 -5.73 3.82
C VAL A 289 -7.42 -6.74 2.89
N ASN A 290 -6.25 -7.23 3.30
CA ASN A 290 -5.46 -8.15 2.49
C ASN A 290 -5.15 -9.47 3.20
N ILE A 291 -5.57 -9.58 4.46
CA ILE A 291 -5.36 -10.79 5.26
C ILE A 291 -6.51 -10.97 6.24
N MSE A 292 -6.99 -12.20 6.37
CA MSE A 292 -8.15 -12.49 7.21
C MSE A 292 -7.85 -13.58 8.24
O MSE A 292 -7.32 -14.64 7.91
CB MSE A 292 -9.32 -12.91 6.33
CG MSE A 292 -10.59 -13.26 7.09
SE MSE A 292 -12.02 -13.76 5.88
CE MSE A 292 -13.45 -14.04 7.16
N LEU A 293 -8.21 -13.30 9.49
CA LEU A 293 -8.08 -14.27 10.56
C LEU A 293 -9.44 -14.78 11.02
N VAL A 294 -9.65 -16.08 10.85
CA VAL A 294 -10.92 -16.71 11.19
C VAL A 294 -10.77 -17.58 12.44
N LEU A 295 -11.31 -17.09 13.56
CA LEU A 295 -11.31 -17.85 14.81
C LEU A 295 -12.33 -18.98 14.71
N CYS A 296 -11.86 -20.13 14.24
CA CYS A 296 -12.73 -21.20 13.78
C CYS A 296 -12.07 -22.56 14.01
N SER A 297 -12.88 -23.57 14.31
CA SER A 297 -12.39 -24.94 14.41
C SER A 297 -12.47 -25.61 13.03
N GLU A 298 -12.21 -26.92 12.99
CA GLU A 298 -12.23 -27.66 11.72
C GLU A 298 -13.38 -28.68 11.61
N THR A 299 -14.48 -28.41 12.30
CA THR A 299 -15.75 -29.09 12.05
C THR A 299 -16.80 -28.02 11.72
N ASP A 300 -16.49 -26.79 12.10
CA ASP A 300 -17.32 -25.62 11.80
C ASP A 300 -17.30 -25.35 10.30
N PRO A 301 -18.49 -25.42 9.65
CA PRO A 301 -18.63 -25.17 8.21
C PRO A 301 -18.38 -23.71 7.79
N LEU A 302 -18.25 -22.82 8.78
CA LEU A 302 -17.94 -21.39 8.56
C LEU A 302 -16.62 -21.23 7.83
N TRP A 303 -15.63 -22.04 8.23
CA TRP A 303 -14.30 -22.05 7.62
C TRP A 303 -14.33 -22.30 6.11
N GLU A 304 -15.19 -23.21 5.68
CA GLU A 304 -15.28 -23.57 4.27
C GLU A 304 -15.90 -22.47 3.41
N LYS A 305 -16.99 -21.88 3.88
CA LYS A 305 -17.65 -20.81 3.13
C LYS A 305 -16.81 -19.52 3.13
N VAL A 306 -16.01 -19.32 4.16
CA VAL A 306 -15.05 -18.22 4.21
C VAL A 306 -14.02 -18.36 3.08
N LYS A 307 -13.55 -19.58 2.88
CA LYS A 307 -12.61 -19.89 1.80
C LYS A 307 -13.23 -19.63 0.41
N LYS A 308 -14.47 -20.08 0.21
CA LYS A 308 -15.15 -19.93 -1.07
C LYS A 308 -15.70 -18.52 -1.32
N THR A 309 -15.91 -17.77 -0.25
CA THR A 309 -16.50 -16.42 -0.36
C THR A 309 -15.43 -15.33 -0.45
N PHE A 310 -14.34 -15.49 0.28
CA PHE A 310 -13.30 -14.44 0.35
C PHE A 310 -11.95 -14.86 -0.25
N GLY A 311 -11.83 -16.13 -0.60
CA GLY A 311 -10.68 -16.64 -1.32
C GLY A 311 -10.45 -15.96 -2.66
N PRO A 312 -11.53 -15.80 -3.46
CA PRO A 312 -11.43 -15.06 -4.72
C PRO A 312 -10.79 -13.68 -4.62
N GLU A 313 -11.02 -12.96 -3.53
CA GLU A 313 -10.45 -11.62 -3.36
C GLU A 313 -9.12 -11.56 -2.61
N LEU A 314 -8.99 -12.37 -1.57
CA LEU A 314 -7.79 -12.35 -0.74
C LEU A 314 -6.78 -13.42 -1.16
N GLY A 315 -7.28 -14.51 -1.73
CA GLY A 315 -6.46 -15.69 -2.01
C GLY A 315 -6.37 -16.53 -0.75
N ASN A 316 -6.64 -17.83 -0.89
CA ASN A 316 -6.62 -18.76 0.24
C ASN A 316 -5.35 -18.75 1.08
N ASN A 317 -4.22 -18.41 0.45
CA ASN A 317 -2.94 -18.22 1.14
C ASN A 317 -2.97 -17.14 2.23
N ASN A 318 -3.88 -16.18 2.08
CA ASN A 318 -3.98 -15.04 2.99
C ASN A 318 -5.13 -15.15 3.99
N ILE A 319 -5.76 -16.32 4.03
CA ILE A 319 -6.80 -16.59 5.00
C ILE A 319 -6.28 -17.65 5.98
N PHE A 320 -6.34 -17.33 7.28
CA PHE A 320 -5.81 -18.18 8.33
C PHE A 320 -6.88 -18.57 9.34
N PHE A 321 -6.83 -19.81 9.82
CA PHE A 321 -7.71 -20.23 10.91
C PHE A 321 -6.98 -20.35 12.25
N ILE A 322 -7.69 -19.99 13.33
CA ILE A 322 -7.14 -20.09 14.68
C ILE A 322 -8.11 -20.87 15.55
N PRO A 323 -7.68 -22.05 16.05
CA PRO A 323 -8.50 -22.79 17.01
C PRO A 323 -8.84 -21.90 18.20
N LYS A 324 -10.14 -21.79 18.48
CA LYS A 324 -10.68 -20.83 19.46
C LYS A 324 -9.89 -20.80 20.77
N LEU A 325 -9.62 -19.58 21.24
CA LEU A 325 -8.74 -19.34 22.37
C LEU A 325 -9.25 -19.88 23.71
N ASP A 326 -8.31 -20.24 24.58
CA ASP A 326 -8.63 -20.70 25.93
C ASP A 326 -9.13 -19.54 26.79
N GLY A 327 -10.00 -19.85 27.74
CA GLY A 327 -10.47 -18.88 28.73
C GLY A 327 -11.52 -17.89 28.26
N VAL A 328 -11.76 -17.83 26.96
CA VAL A 328 -12.78 -16.93 26.41
C VAL A 328 -14.15 -17.38 26.85
N SER A 329 -14.73 -16.63 27.80
CA SER A 329 -16.01 -16.97 28.40
C SER A 329 -17.17 -16.25 27.72
N ALA A 330 -18.37 -16.83 27.84
CA ALA A 330 -19.59 -16.21 27.32
C ALA A 330 -19.85 -14.86 27.99
N VAL A 331 -20.47 -13.95 27.24
CA VAL A 331 -20.83 -12.62 27.74
C VAL A 331 -22.31 -12.37 27.51
N ASP A 332 -23.04 -12.07 28.59
CA ASP A 332 -24.46 -11.79 28.50
C ASP A 332 -24.71 -10.30 28.22
N ASP A 333 -25.98 -9.94 28.12
CA ASP A 333 -26.39 -8.59 27.73
C ASP A 333 -26.18 -7.57 28.85
N VAL A 334 -26.55 -7.95 30.08
CA VAL A 334 -26.48 -7.06 31.24
C VAL A 334 -25.04 -6.59 31.49
N TYR A 335 -24.10 -7.53 31.44
CA TYR A 335 -22.68 -7.20 31.54
C TYR A 335 -22.27 -6.23 30.45
N LYS A 336 -22.79 -6.46 29.25
CA LYS A 336 -22.45 -5.64 28.08
C LYS A 336 -23.00 -4.23 28.19
N ARG A 337 -24.22 -4.09 28.70
CA ARG A 337 -24.79 -2.77 28.96
C ARG A 337 -24.08 -2.07 30.11
N SER A 338 -23.55 -2.87 31.04
CA SER A 338 -22.77 -2.35 32.16
C SER A 338 -21.47 -1.74 31.68
N LEU A 339 -20.82 -2.45 30.74
CA LEU A 339 -19.56 -2.00 30.17
C LEU A 339 -19.75 -0.73 29.35
N GLN A 340 -20.92 -0.63 28.71
CA GLN A 340 -21.29 0.56 27.93
C GLN A 340 -21.54 1.74 28.85
N ARG A 341 -22.15 1.46 30.01
CA ARG A 341 -22.43 2.46 31.02
C ARG A 341 -21.13 3.02 31.58
N THR A 342 -20.20 2.12 31.92
CA THR A 342 -18.89 2.50 32.45
C THR A 342 -18.20 3.48 31.51
N SER A 343 -18.25 3.17 30.21
CA SER A 343 -17.56 3.95 29.18
C SER A 343 -18.11 5.36 29.04
N ILE A 344 -19.43 5.50 29.15
CA ILE A 344 -20.08 6.80 29.04
C ILE A 344 -19.60 7.69 30.19
N ARG A 345 -19.65 7.18 31.42
CA ARG A 345 -19.08 7.88 32.56
C ARG A 345 -17.60 8.18 32.33
N GLU A 346 -16.87 7.18 31.84
CA GLU A 346 -15.44 7.27 31.63
C GLU A 346 -15.07 8.36 30.62
N TYR A 347 -15.93 8.57 29.62
CA TYR A 347 -15.72 9.62 28.62
C TYR A 347 -15.79 11.02 29.23
N PHE A 348 -16.72 11.21 30.16
CA PHE A 348 -16.96 12.51 30.79
C PHE A 348 -16.12 12.77 32.04
N TYR A 349 -15.93 11.75 32.87
CA TYR A 349 -15.24 11.91 34.15
C TYR A 349 -13.88 11.21 34.24
N GLY A 350 -13.59 10.32 33.29
CA GLY A 350 -12.35 9.53 33.32
C GLY A 350 -12.44 8.35 34.27
N SER A 351 -11.29 7.82 34.66
CA SER A 351 -11.23 6.70 35.60
C SER A 351 -10.77 7.14 37.00
N LEU A 352 -10.46 6.16 37.85
CA LEU A 352 -10.03 6.41 39.23
C LEU A 352 -8.79 7.31 39.30
N ASP A 353 -7.77 6.97 38.52
CA ASP A 353 -6.50 7.69 38.51
C ASP A 353 -6.41 8.68 37.35
N THR A 354 -7.56 9.10 36.84
CA THR A 354 -7.65 10.06 35.74
C THR A 354 -8.43 11.31 36.14
N ALA A 355 -9.58 11.10 36.77
CA ALA A 355 -10.46 12.15 37.29
C ALA A 355 -10.54 13.39 36.39
N LEU A 356 -11.38 13.31 35.37
CA LEU A 356 -11.66 14.45 34.50
C LEU A 356 -12.81 15.25 35.06
N SER A 357 -12.82 16.54 34.76
CA SER A 357 -13.81 17.47 35.28
C SER A 357 -14.63 18.09 34.15
N PRO A 358 -15.75 17.43 33.76
CA PRO A 358 -16.57 17.90 32.65
C PRO A 358 -17.39 19.12 33.04
N TYR A 359 -18.13 19.66 32.08
CA TYR A 359 -18.80 20.95 32.26
C TYR A 359 -20.30 20.85 32.05
N ALA A 360 -21.05 21.44 32.98
CA ALA A 360 -22.50 21.45 32.91
C ALA A 360 -22.99 22.82 32.46
N ILE A 361 -23.79 22.86 31.39
CA ILE A 361 -24.25 24.12 30.83
C ILE A 361 -25.78 24.18 30.63
N GLY A 362 -26.37 25.29 31.05
CA GLY A 362 -27.78 25.56 30.80
C GLY A 362 -27.96 26.09 29.39
N VAL A 363 -28.96 25.57 28.68
CA VAL A 363 -29.16 25.86 27.26
C VAL A 363 -30.63 25.87 26.87
N ASP A 364 -31.01 26.80 26.00
CA ASP A 364 -32.39 26.92 25.53
C ASP A 364 -32.75 25.83 24.51
N TYR A 365 -34.05 25.67 24.25
CA TYR A 365 -34.55 24.74 23.22
C TYR A 365 -34.10 25.17 21.83
N GLU A 366 -34.07 26.48 21.59
CA GLU A 366 -33.67 27.06 20.31
C GLU A 366 -32.17 26.96 20.06
N ASP A 367 -31.39 26.75 21.12
CA ASP A 367 -29.94 26.65 21.02
C ASP A 367 -29.47 25.32 20.42
N LEU A 368 -30.42 24.42 20.15
CA LEU A 368 -30.10 23.08 19.65
C LEU A 368 -30.81 22.68 18.35
N THR A 369 -30.07 21.99 17.50
CA THR A 369 -30.61 21.35 16.30
C THR A 369 -30.23 19.86 16.32
N ILE A 370 -31.24 19.00 16.36
CA ILE A 370 -31.02 17.57 16.55
C ILE A 370 -31.72 16.73 15.48
N TRP A 371 -30.98 15.75 14.95
CA TRP A 371 -31.53 14.76 14.02
C TRP A 371 -31.42 13.37 14.65
N LYS A 372 -32.08 12.38 14.02
CA LYS A 372 -31.90 10.98 14.42
C LYS A 372 -32.00 10.02 13.22
N PRO A 373 -31.17 8.97 13.22
CA PRO A 373 -31.12 7.99 12.13
C PRO A 373 -32.43 7.22 11.94
N SER A 374 -32.56 6.54 10.81
CA SER A 374 -33.70 5.66 10.54
C SER A 374 -33.56 4.33 11.26
N ASN A 375 -34.62 3.91 11.94
CA ASN A 375 -34.63 2.64 12.66
C ASN A 375 -35.30 1.55 11.83
N VAL A 376 -35.57 0.42 12.48
CA VAL A 376 -36.49 -0.57 11.95
C VAL A 376 -37.86 -0.40 12.61
N PHE A 377 -37.87 -0.15 13.91
CA PHE A 377 -39.13 0.01 14.65
C PHE A 377 -39.64 1.46 14.66
N ASP A 378 -39.02 2.30 13.82
CA ASP A 378 -39.48 3.67 13.59
C ASP A 378 -39.84 3.92 12.13
N ASN A 379 -38.95 3.51 11.23
CA ASN A 379 -39.10 3.81 9.81
C ASN A 379 -39.36 2.59 8.94
N GLU A 380 -39.49 1.43 9.60
CA GLU A 380 -39.77 0.15 8.93
C GLU A 380 -38.61 -0.37 8.06
N VAL A 381 -38.23 0.41 7.05
CA VAL A 381 -37.15 0.02 6.14
C VAL A 381 -35.78 0.26 6.79
N GLY A 382 -35.32 1.51 6.80
CA GLY A 382 -34.01 1.86 7.36
C GLY A 382 -32.98 2.19 6.29
N ARG A 383 -33.01 3.44 5.83
CA ARG A 383 -32.12 3.91 4.77
C ARG A 383 -31.18 4.99 5.30
N VAL A 384 -30.23 5.42 4.45
CA VAL A 384 -29.23 6.43 4.82
C VAL A 384 -29.86 7.82 4.87
N GLU A 385 -30.50 8.14 5.99
CA GLU A 385 -31.12 9.45 6.20
C GLU A 385 -31.44 9.71 7.67
N LEU A 386 -31.56 10.98 8.02
CA LEU A 386 -31.94 11.34 9.39
C LEU A 386 -33.06 12.37 9.45
N PHE A 387 -33.96 12.17 10.42
CA PHE A 387 -35.15 12.97 10.59
C PHE A 387 -34.95 14.03 11.67
N PRO A 388 -35.48 15.25 11.45
CA PRO A 388 -35.42 16.30 12.48
C PRO A 388 -36.23 15.90 13.71
N VAL A 389 -35.70 16.18 14.90
CA VAL A 389 -36.29 15.73 16.16
C VAL A 389 -36.84 16.88 16.99
N THR A 390 -38.11 16.79 17.35
CA THR A 390 -38.72 17.75 18.28
C THR A 390 -38.35 17.38 19.71
N ILE A 391 -38.09 18.40 20.53
CA ILE A 391 -37.61 18.20 21.89
C ILE A 391 -38.75 17.78 22.83
N THR A 392 -38.66 16.54 23.29
CA THR A 392 -39.64 15.95 24.21
C THR A 392 -38.87 15.32 25.36
N PRO A 393 -39.38 15.43 26.60
CA PRO A 393 -38.76 14.76 27.75
C PRO A 393 -38.52 13.27 27.53
N SER A 394 -39.39 12.64 26.75
CA SER A 394 -39.27 11.22 26.44
C SER A 394 -38.25 10.96 25.32
N ASN A 395 -37.85 12.03 24.63
CA ASN A 395 -36.92 11.96 23.51
C ASN A 395 -35.45 12.17 23.89
N LEU A 396 -35.20 13.10 24.81
CA LEU A 396 -33.83 13.56 25.07
C LEU A 396 -33.26 13.35 26.48
N GLN A 397 -34.10 13.01 27.45
CA GLN A 397 -33.63 12.83 28.82
C GLN A 397 -32.65 11.67 28.94
N HIS A 398 -31.45 11.98 29.45
CA HIS A 398 -30.37 11.02 29.67
C HIS A 398 -29.76 10.47 28.36
N ALA A 399 -30.12 11.08 27.24
CA ALA A 399 -29.63 10.66 25.93
C ALA A 399 -28.23 11.19 25.63
N ILE A 400 -27.40 10.32 25.06
CA ILE A 400 -26.09 10.73 24.55
C ILE A 400 -26.25 11.32 23.15
N ILE A 401 -25.74 12.53 22.97
CA ILE A 401 -25.89 13.24 21.70
C ILE A 401 -24.55 13.44 21.01
N ALA A 402 -24.45 12.92 19.78
CA ALA A 402 -23.25 13.09 18.96
C ALA A 402 -23.23 14.48 18.35
N ILE A 403 -22.11 15.18 18.53
CA ILE A 403 -21.95 16.53 18.00
C ILE A 403 -21.02 16.49 16.79
N THR A 404 -21.50 17.01 15.67
CA THR A 404 -20.74 16.98 14.41
C THR A 404 -19.89 18.23 14.24
N PHE A 405 -19.39 18.43 13.02
CA PHE A 405 -18.66 19.64 12.65
C PHE A 405 -19.51 20.55 11.76
N ALA A 406 -20.56 19.99 11.16
CA ALA A 406 -21.46 20.75 10.28
C ALA A 406 -22.22 21.86 11.01
N GLU A 407 -22.62 22.88 10.25
CA GLU A 407 -23.37 24.04 10.77
C GLU A 407 -24.70 23.63 11.40
N ARG A 408 -25.27 24.52 12.20
CA ARG A 408 -26.62 24.32 12.70
C ARG A 408 -27.66 24.44 11.59
N ARG A 409 -27.27 25.07 10.48
CA ARG A 409 -28.17 25.34 9.38
C ARG A 409 -28.00 24.41 8.18
N ALA A 410 -27.07 23.46 8.29
CA ALA A 410 -26.77 22.53 7.19
C ALA A 410 -27.90 21.54 6.93
N ASP A 411 -28.00 21.06 5.69
CA ASP A 411 -29.01 20.05 5.32
C ASP A 411 -28.53 18.64 5.66
N GLN A 412 -29.44 17.67 5.62
CA GLN A 412 -29.15 16.32 6.08
C GLN A 412 -28.00 15.60 5.36
N ALA A 413 -27.80 15.94 4.09
CA ALA A 413 -26.71 15.35 3.31
C ALA A 413 -25.33 15.76 3.85
N THR A 414 -25.25 16.95 4.42
CA THR A 414 -24.00 17.49 4.95
C THR A 414 -23.71 16.96 6.36
N VAL A 415 -24.77 16.77 7.14
CA VAL A 415 -24.67 16.26 8.51
C VAL A 415 -24.32 14.77 8.51
N ILE A 416 -24.98 14.01 7.66
CA ILE A 416 -24.76 12.56 7.55
C ILE A 416 -23.32 12.20 7.13
N LYS A 417 -22.60 13.18 6.60
CA LYS A 417 -21.23 12.97 6.12
C LYS A 417 -20.20 13.93 6.75
N SER A 418 -20.50 14.44 7.94
CA SER A 418 -19.57 15.32 8.63
C SER A 418 -19.03 14.68 9.91
N PRO A 419 -17.70 14.80 10.13
CA PRO A 419 -16.99 14.19 11.25
C PRO A 419 -17.58 14.54 12.61
N ILE A 420 -17.47 13.61 13.57
CA ILE A 420 -17.98 13.80 14.91
C ILE A 420 -16.95 14.53 15.78
N LEU A 421 -17.40 15.60 16.44
CA LEU A 421 -16.56 16.43 17.30
C LEU A 421 -16.40 15.80 18.68
N GLY A 422 -17.51 15.32 19.24
CA GLY A 422 -17.53 14.71 20.55
C GLY A 422 -18.96 14.42 20.94
N PHE A 423 -19.17 14.01 22.19
CA PHE A 423 -20.50 13.63 22.64
C PHE A 423 -20.96 14.48 23.83
N ALA A 424 -22.26 14.57 24.02
CA ALA A 424 -22.84 15.33 25.12
C ALA A 424 -23.99 14.58 25.77
N LEU A 425 -24.05 14.64 27.10
CA LEU A 425 -25.15 14.02 27.83
C LEU A 425 -26.18 15.09 28.17
N ILE A 426 -27.46 14.73 28.03
CA ILE A 426 -28.54 15.60 28.46
C ILE A 426 -29.12 15.13 29.79
N THR A 427 -29.01 15.98 30.80
CA THR A 427 -29.47 15.69 32.14
C THR A 427 -30.98 15.89 32.24
N GLU A 428 -31.42 17.13 32.03
CA GLU A 428 -32.82 17.50 32.25
C GLU A 428 -33.42 18.17 31.02
N VAL A 429 -34.59 17.68 30.61
CA VAL A 429 -35.40 18.34 29.61
C VAL A 429 -36.58 19.01 30.32
N ASN A 430 -36.36 20.26 30.73
CA ASN A 430 -37.45 21.07 31.28
C ASN A 430 -38.32 21.58 30.14
N GLU A 431 -39.60 21.23 30.20
CA GLU A 431 -40.51 21.48 29.08
C GLU A 431 -41.47 22.64 29.32
N LYS A 432 -41.74 22.94 30.59
CA LYS A 432 -42.57 24.10 30.93
C LYS A 432 -41.85 25.40 30.55
N ARG A 433 -40.54 25.43 30.80
CA ARG A 433 -39.66 26.43 30.19
C ARG A 433 -39.07 25.80 28.93
N ARG A 434 -38.42 26.61 28.10
CA ARG A 434 -37.71 26.10 26.93
C ARG A 434 -36.23 25.99 27.25
N LYS A 435 -35.87 25.10 28.18
CA LYS A 435 -34.48 24.98 28.66
C LYS A 435 -33.95 23.53 28.77
N LEU A 436 -32.62 23.41 28.76
CA LEU A 436 -31.93 22.12 28.81
C LEU A 436 -30.65 22.16 29.65
N ARG A 437 -30.40 21.09 30.40
CA ARG A 437 -29.14 20.93 31.12
C ARG A 437 -28.28 19.93 30.39
N VAL A 438 -27.24 20.43 29.73
CA VAL A 438 -26.34 19.57 28.95
C VAL A 438 -24.97 19.46 29.60
N LEU A 439 -24.49 18.23 29.73
CA LEU A 439 -23.13 17.96 30.17
C LEU A 439 -22.22 17.88 28.95
N LEU A 440 -21.14 18.65 29.00
CA LEU A 440 -20.14 18.70 27.94
C LEU A 440 -18.83 18.06 28.40
N PRO A 441 -18.04 17.51 27.45
CA PRO A 441 -16.69 17.06 27.82
C PRO A 441 -15.72 18.23 28.01
N VAL A 442 -15.97 19.35 27.35
CA VAL A 442 -15.09 20.51 27.44
C VAL A 442 -15.77 21.69 28.14
N PRO A 443 -15.09 22.27 29.16
CA PRO A 443 -15.54 23.53 29.75
C PRO A 443 -15.55 24.63 28.71
N GLY A 444 -16.74 25.08 28.34
CA GLY A 444 -16.89 26.13 27.34
C GLY A 444 -18.30 26.24 26.80
N ARG A 445 -18.40 26.89 25.64
CA ARG A 445 -19.66 27.15 24.96
C ARG A 445 -20.28 25.85 24.46
N LEU A 446 -21.59 25.85 24.33
CA LEU A 446 -22.28 24.79 23.60
C LEU A 446 -21.87 24.95 22.14
N PRO A 447 -21.22 23.93 21.56
CA PRO A 447 -20.82 24.06 20.17
C PRO A 447 -22.05 24.21 19.28
N SER A 448 -22.24 25.39 18.71
CA SER A 448 -23.38 25.62 17.81
C SER A 448 -23.15 24.86 16.50
N LYS A 449 -23.45 23.58 16.54
CA LYS A 449 -23.26 22.67 15.41
C LYS A 449 -24.51 21.79 15.30
N ALA A 450 -24.60 21.04 14.21
CA ALA A 450 -25.65 20.04 14.05
C ALA A 450 -25.37 18.85 14.96
N MSE A 451 -26.41 18.25 15.49
CA MSE A 451 -26.26 17.14 16.44
C MSE A 451 -27.17 15.96 16.13
O MSE A 451 -28.31 16.12 15.73
CB MSE A 451 -26.53 17.63 17.87
CG MSE A 451 -25.41 18.46 18.47
SE MSE A 451 -26.03 19.54 19.97
CE MSE A 451 -24.35 20.39 20.47
N ILE A 452 -26.64 14.76 16.31
CA ILE A 452 -27.38 13.53 16.08
C ILE A 452 -27.65 12.83 17.41
N LEU A 453 -28.91 12.44 17.61
CA LEU A 453 -29.30 11.65 18.79
C LEU A 453 -28.94 10.17 18.61
N THR A 454 -28.51 9.55 19.70
CA THR A 454 -28.24 8.11 19.71
C THR A 454 -29.37 7.36 20.42
N SER A 455 -29.26 6.03 20.43
CA SER A 455 -30.20 5.20 21.17
C SER A 455 -29.63 4.86 22.55
N TYR A 456 -28.59 5.59 22.95
CA TYR A 456 -27.88 5.30 24.19
C TYR A 456 -28.25 6.25 25.32
N ARG A 457 -28.56 5.67 26.48
CA ARG A 457 -29.03 6.42 27.64
C ARG A 457 -28.11 6.23 28.83
N TYR A 458 -27.93 7.30 29.62
CA TYR A 458 -27.13 7.23 30.84
C TYR A 458 -27.65 8.14 31.96
N LEU A 459 -28.01 7.53 33.08
CA LEU A 459 -28.44 8.25 34.28
C LEU A 459 -27.47 7.92 35.40
N GLU A 460 -27.04 8.95 36.13
CA GLU A 460 -26.12 8.76 37.25
C GLU A 460 -26.84 8.33 38.52
N THR B 33 8.19 3.43 -57.01
CA THR B 33 9.47 4.09 -56.64
C THR B 33 9.31 4.94 -55.38
N GLY B 34 10.29 4.84 -54.49
CA GLY B 34 10.36 5.70 -53.30
C GLY B 34 10.54 7.17 -53.64
N ASP B 35 10.12 8.03 -52.73
CA ASP B 35 10.05 9.48 -52.97
C ASP B 35 10.69 10.29 -51.84
N ASN B 36 11.15 11.49 -52.18
CA ASN B 36 11.67 12.42 -51.17
C ASN B 36 10.80 13.66 -50.94
N GLU B 37 9.51 13.56 -51.29
CA GLU B 37 8.53 14.60 -51.00
C GLU B 37 7.47 14.13 -50.02
N TRP B 38 6.65 15.06 -49.56
CA TRP B 38 5.54 14.76 -48.67
C TRP B 38 4.42 14.00 -49.39
N HIS B 39 3.68 13.20 -48.64
CA HIS B 39 2.49 12.54 -49.13
C HIS B 39 1.37 12.68 -48.11
N LYS B 40 0.16 12.94 -48.58
CA LYS B 40 -1.00 13.08 -47.72
C LYS B 40 -1.65 11.72 -47.48
N LEU B 41 -1.76 11.32 -46.22
CA LEU B 41 -2.35 10.03 -45.87
C LEU B 41 -3.44 10.22 -44.83
N VAL B 42 -4.62 9.66 -45.12
CA VAL B 42 -5.75 9.73 -44.20
C VAL B 42 -5.97 8.38 -43.56
N ILE B 43 -5.76 8.33 -42.25
CA ILE B 43 -6.01 7.13 -41.47
C ILE B 43 -7.37 7.22 -40.75
N PRO B 44 -8.28 6.28 -41.05
CA PRO B 44 -9.63 6.25 -40.50
C PRO B 44 -9.65 5.91 -39.01
N LYS B 45 -10.62 6.44 -38.30
CA LYS B 45 -10.80 6.19 -36.87
C LYS B 45 -10.73 4.71 -36.53
N GLY B 46 -9.93 4.35 -35.54
CA GLY B 46 -9.85 2.98 -35.06
C GLY B 46 -8.88 2.09 -35.81
N SER B 47 -8.02 2.69 -36.63
CA SER B 47 -7.06 1.95 -37.42
C SER B 47 -5.61 2.24 -37.02
N ASP B 48 -4.75 1.25 -37.24
CA ASP B 48 -3.32 1.42 -37.06
C ASP B 48 -2.67 1.59 -38.42
N TRP B 49 -1.77 2.56 -38.52
CA TRP B 49 -0.86 2.61 -39.64
C TRP B 49 0.39 1.85 -39.21
N GLN B 50 0.44 0.57 -39.59
CA GLN B 50 1.55 -0.29 -39.22
C GLN B 50 2.77 0.08 -40.04
N ILE B 51 3.78 0.60 -39.34
CA ILE B 51 5.02 1.07 -39.95
C ILE B 51 6.15 0.13 -39.58
N ASP B 52 6.83 -0.41 -40.59
CA ASP B 52 8.02 -1.23 -40.38
C ASP B 52 9.21 -0.60 -41.09
N LEU B 53 10.12 -0.03 -40.32
CA LEU B 53 11.30 0.65 -40.87
C LEU B 53 12.55 -0.21 -40.86
N LYS B 54 13.36 -0.05 -41.91
CA LYS B 54 14.59 -0.81 -42.07
C LYS B 54 15.73 0.06 -42.60
N ALA B 55 16.96 -0.34 -42.26
CA ALA B 55 18.17 0.41 -42.61
C ALA B 55 18.18 1.81 -41.99
N GLU B 56 18.78 2.76 -42.69
CA GLU B 56 18.81 4.16 -42.26
C GLU B 56 17.43 4.78 -42.40
N GLY B 57 17.13 5.27 -43.61
CA GLY B 57 15.85 5.89 -43.97
C GLY B 57 14.92 6.38 -42.87
N LYS B 58 14.97 7.67 -42.58
CA LYS B 58 14.08 8.27 -41.59
C LYS B 58 12.69 8.55 -42.14
N LEU B 59 11.71 8.50 -41.24
CA LEU B 59 10.32 8.81 -41.56
C LEU B 59 9.93 10.07 -40.81
N ILE B 60 9.47 11.08 -41.54
CA ILE B 60 8.92 12.28 -40.90
C ILE B 60 7.40 12.30 -41.04
N VAL B 61 6.73 12.52 -39.92
CA VAL B 61 5.27 12.61 -39.90
C VAL B 61 4.84 13.98 -39.38
N LYS B 62 3.85 14.56 -40.03
CA LYS B 62 3.29 15.85 -39.64
C LYS B 62 1.76 15.74 -39.62
N VAL B 63 1.20 15.64 -38.43
CA VAL B 63 -0.25 15.55 -38.25
C VAL B 63 -0.84 16.94 -38.35
N ASN B 64 -1.95 17.09 -39.08
CA ASN B 64 -2.61 18.40 -39.14
C ASN B 64 -4.13 18.44 -38.86
N SER B 65 -4.69 17.30 -38.48
CA SER B 65 -6.08 17.22 -38.01
C SER B 65 -6.40 15.84 -37.45
N GLY B 66 -7.02 15.80 -36.28
CA GLY B 66 -7.38 14.55 -35.62
C GLY B 66 -6.40 14.15 -34.54
N ILE B 67 -6.68 13.01 -33.90
CA ILE B 67 -5.85 12.50 -32.80
C ILE B 67 -5.19 11.17 -33.19
N VAL B 68 -3.86 11.15 -33.20
CA VAL B 68 -3.12 9.90 -33.38
C VAL B 68 -2.18 9.61 -32.21
N GLU B 69 -2.12 8.34 -31.84
CA GLU B 69 -1.32 7.91 -30.69
C GLU B 69 -0.34 6.81 -31.04
N ILE B 70 0.88 6.94 -30.54
CA ILE B 70 1.86 5.88 -30.62
C ILE B 70 2.04 5.29 -29.22
N PHE B 71 1.45 4.11 -29.03
CA PHE B 71 1.39 3.42 -27.74
C PHE B 71 0.84 4.33 -26.63
N GLY B 72 -0.23 5.05 -26.95
CA GLY B 72 -0.90 5.94 -25.99
C GLY B 72 -0.47 7.40 -26.03
N THR B 73 0.75 7.64 -26.51
CA THR B 73 1.31 9.00 -26.58
C THR B 73 0.74 9.75 -27.78
N GLU B 74 0.12 10.90 -27.52
CA GLU B 74 -0.45 11.72 -28.58
C GLU B 74 0.60 12.47 -29.38
N LEU B 75 0.56 12.30 -30.71
CA LEU B 75 1.33 13.16 -31.60
C LEU B 75 0.69 14.54 -31.62
N ALA B 76 1.51 15.57 -31.42
CA ALA B 76 1.00 16.92 -31.16
C ALA B 76 0.35 17.62 -32.36
N VAL B 77 -0.35 18.70 -32.03
CA VAL B 77 -1.10 19.56 -32.96
C VAL B 77 -0.58 19.57 -34.41
N ASP B 78 0.62 20.09 -34.63
CA ASP B 78 1.13 20.31 -35.98
C ASP B 78 2.66 20.22 -36.07
N ASP B 79 3.26 19.37 -35.26
CA ASP B 79 4.72 19.24 -35.20
C ASP B 79 5.26 18.18 -36.16
N GLU B 80 6.58 18.17 -36.35
CA GLU B 80 7.24 17.18 -37.19
C GLU B 80 7.87 16.10 -36.33
N TYR B 81 7.45 14.85 -36.52
CA TYR B 81 7.97 13.72 -35.77
C TYR B 81 8.87 12.84 -36.62
N THR B 82 10.07 12.54 -36.12
CA THR B 82 11.08 11.83 -36.90
C THR B 82 11.43 10.46 -36.29
N PHE B 83 11.23 9.41 -37.09
CA PHE B 83 11.44 8.03 -36.67
C PHE B 83 12.54 7.34 -37.46
N GLN B 84 13.21 6.38 -36.83
CA GLN B 84 14.26 5.60 -37.48
C GLN B 84 14.38 4.19 -36.92
N ASN B 85 14.53 3.24 -37.81
CA ASN B 85 14.93 1.87 -37.46
C ASN B 85 14.15 1.20 -36.31
N TRP B 86 12.82 1.08 -36.48
CA TRP B 86 11.97 0.26 -35.62
C TRP B 86 10.53 0.16 -36.17
N LYS B 87 9.78 -0.86 -35.74
CA LYS B 87 8.38 -1.00 -36.16
C LYS B 87 7.38 -0.66 -35.05
N PHE B 88 6.29 0.01 -35.43
CA PHE B 88 5.34 0.59 -34.47
C PHE B 88 4.03 1.03 -35.15
N PRO B 89 2.90 0.98 -34.41
CA PRO B 89 1.64 1.49 -34.94
C PRO B 89 1.42 2.97 -34.64
N ILE B 90 0.67 3.62 -35.51
CA ILE B 90 0.14 4.95 -35.25
C ILE B 90 -1.39 4.85 -35.28
N TYR B 91 -1.98 4.72 -34.09
CA TYR B 91 -3.41 4.48 -33.95
C TYR B 91 -4.22 5.78 -33.95
N ALA B 92 -5.25 5.81 -34.78
CA ALA B 92 -6.14 6.96 -34.87
C ALA B 92 -7.31 6.82 -33.90
N VAL B 93 -7.34 7.69 -32.90
CA VAL B 93 -8.45 7.76 -31.97
C VAL B 93 -9.62 8.47 -32.64
N GLU B 94 -9.27 9.39 -33.53
CA GLU B 94 -10.23 10.13 -34.35
C GLU B 94 -9.71 10.06 -35.78
N GLU B 95 -10.56 10.28 -36.77
CA GLU B 95 -10.08 10.28 -38.17
C GLU B 95 -8.95 11.31 -38.33
N THR B 96 -7.82 10.85 -38.86
CA THR B 96 -6.62 11.67 -38.91
C THR B 96 -6.05 11.83 -40.31
N GLU B 97 -5.85 13.09 -40.71
CA GLU B 97 -5.12 13.43 -41.93
C GLU B 97 -3.70 13.87 -41.55
N LEU B 98 -2.71 13.27 -42.20
CA LEU B 98 -1.31 13.55 -41.89
C LEU B 98 -0.39 13.50 -43.11
N LEU B 99 0.64 14.33 -43.10
CA LEU B 99 1.63 14.36 -44.16
C LEU B 99 2.87 13.59 -43.74
N TRP B 100 3.41 12.79 -44.64
CA TRP B 100 4.62 12.01 -44.38
C TRP B 100 5.60 12.04 -45.54
N LYS B 101 6.89 12.08 -45.22
CA LYS B 101 7.92 11.87 -46.24
C LYS B 101 8.93 10.80 -45.81
N CYS B 102 9.23 9.90 -46.74
CA CYS B 102 10.17 8.80 -46.51
C CYS B 102 10.54 8.15 -47.84
N PRO B 103 11.85 7.98 -48.12
CA PRO B 103 12.33 7.38 -49.36
C PRO B 103 12.14 5.86 -49.42
N ASP B 104 11.84 5.24 -48.28
CA ASP B 104 11.70 3.79 -48.19
C ASP B 104 10.26 3.32 -48.22
N LEU B 105 9.32 4.28 -48.24
CA LEU B 105 7.90 3.95 -48.30
C LEU B 105 7.24 4.43 -49.59
N THR B 106 6.11 3.82 -49.91
CA THR B 106 5.37 4.12 -51.14
C THR B 106 3.90 4.30 -50.80
N THR B 107 3.23 5.22 -51.51
CA THR B 107 1.81 5.45 -51.32
C THR B 107 1.02 4.14 -51.40
N ASN B 108 1.47 3.24 -52.28
CA ASN B 108 0.85 1.93 -52.48
C ASN B 108 1.18 0.91 -51.39
N THR B 109 2.43 0.92 -50.93
CA THR B 109 2.92 -0.08 -49.97
C THR B 109 2.80 0.37 -48.50
N ILE B 110 1.87 1.30 -48.25
CA ILE B 110 1.52 1.70 -46.89
C ILE B 110 0.49 0.71 -46.35
N THR B 111 0.67 0.29 -45.10
CA THR B 111 -0.24 -0.66 -44.47
C THR B 111 -1.11 -0.01 -43.39
N VAL B 112 -2.42 -0.05 -43.61
CA VAL B 112 -3.41 0.48 -42.70
C VAL B 112 -4.50 -0.56 -42.42
N LYS B 113 -4.58 -1.02 -41.17
CA LYS B 113 -5.54 -2.05 -40.78
C LYS B 113 -6.30 -1.61 -39.53
N PRO B 114 -7.59 -1.96 -39.45
CA PRO B 114 -8.37 -1.68 -38.25
C PRO B 114 -7.86 -2.48 -37.05
N ASN B 115 -7.87 -1.83 -35.87
CA ASN B 115 -7.57 -2.51 -34.62
C ASN B 115 -8.86 -2.72 -33.85
N HIS B 116 -9.19 -3.99 -33.59
CA HIS B 116 -10.42 -4.35 -32.88
C HIS B 116 -10.18 -4.67 -31.41
N THR B 117 -8.92 -4.66 -31.00
CA THR B 117 -8.51 -5.13 -29.68
C THR B 117 -8.06 -3.97 -28.79
N MSE B 118 -8.23 -2.74 -29.28
CA MSE B 118 -7.86 -1.56 -28.51
C MSE B 118 -8.78 -1.40 -27.29
O MSE B 118 -8.33 -0.93 -26.24
CB MSE B 118 -7.90 -0.30 -29.40
CG MSE B 118 -6.87 0.75 -29.00
SE MSE B 118 -5.05 0.04 -28.81
CE MSE B 118 -4.27 0.54 -30.54
N LYS B 119 -10.04 -1.81 -27.44
CA LYS B 119 -11.02 -1.85 -26.35
C LYS B 119 -10.46 -2.50 -25.08
N TYR B 120 -9.82 -3.66 -25.24
CA TYR B 120 -9.29 -4.44 -24.12
C TYR B 120 -8.31 -3.64 -23.26
N ILE B 121 -7.57 -2.73 -23.88
CA ILE B 121 -6.61 -1.89 -23.15
C ILE B 121 -7.33 -0.78 -22.39
N TYR B 122 -8.29 -0.12 -23.04
CA TYR B 122 -9.02 0.98 -22.43
C TYR B 122 -9.68 0.58 -21.12
N ASN B 123 -10.68 -0.29 -21.18
CA ASN B 123 -11.44 -0.64 -19.98
C ASN B 123 -10.60 -1.38 -18.95
N LEU B 124 -9.35 -1.70 -19.31
CA LEU B 124 -8.39 -2.23 -18.37
C LEU B 124 -7.66 -1.09 -17.66
N HIS B 125 -7.30 -0.07 -18.41
CA HIS B 125 -6.69 1.14 -17.85
C HIS B 125 -7.62 1.83 -16.86
N PHE B 126 -8.86 2.05 -17.28
CA PHE B 126 -9.84 2.73 -16.45
C PHE B 126 -10.27 1.88 -15.26
N MSE B 127 -9.98 0.59 -15.33
CA MSE B 127 -10.15 -0.30 -14.21
C MSE B 127 -9.03 -0.07 -13.20
O MSE B 127 -9.28 0.04 -12.01
CB MSE B 127 -10.13 -1.77 -14.65
CG MSE B 127 -10.57 -2.71 -13.56
SE MSE B 127 -9.38 -4.24 -13.35
CE MSE B 127 -9.72 -4.58 -11.45
N LEU B 128 -7.80 0.03 -13.71
CA LEU B 128 -6.66 0.40 -12.90
C LEU B 128 -6.84 1.77 -12.26
N GLU B 129 -7.39 2.70 -13.02
CA GLU B 129 -7.55 4.08 -12.56
C GLU B 129 -8.60 4.22 -11.45
N LYS B 130 -9.53 3.25 -11.39
CA LYS B 130 -10.46 3.14 -10.28
C LYS B 130 -9.75 2.78 -8.99
N ILE B 131 -8.80 1.85 -9.08
CA ILE B 131 -8.00 1.40 -7.94
C ILE B 131 -7.08 2.53 -7.45
N ARG B 132 -6.53 3.30 -8.39
CA ARG B 132 -5.59 4.37 -8.07
C ARG B 132 -6.14 5.41 -7.09
N MSE B 133 -7.44 5.68 -7.19
CA MSE B 133 -8.04 6.68 -6.33
C MSE B 133 -9.10 6.15 -5.36
O MSE B 133 -9.67 6.91 -4.56
CB MSE B 133 -8.59 7.85 -7.15
CG MSE B 133 -9.82 7.53 -7.97
SE MSE B 133 -10.32 9.03 -9.13
CE MSE B 133 -9.33 8.53 -10.76
N SER B 134 -9.37 4.85 -5.41
CA SER B 134 -10.27 4.21 -4.45
C SER B 134 -9.49 3.47 -3.37
N ASN B 135 -8.39 2.84 -3.77
CA ASN B 135 -7.56 2.07 -2.84
C ASN B 135 -6.54 2.93 -2.11
N PHE B 136 -5.98 2.39 -1.03
CA PHE B 136 -5.05 3.13 -0.16
C PHE B 136 -3.69 3.36 -0.81
N GLU B 137 -3.34 2.50 -1.76
CA GLU B 137 -2.18 2.73 -2.62
C GLU B 137 -2.49 2.22 -4.03
N GLY B 138 -1.62 2.54 -4.97
CA GLY B 138 -1.79 2.16 -6.37
C GLY B 138 -1.68 0.67 -6.64
N PRO B 139 -2.21 0.22 -7.78
CA PRO B 139 -2.08 -1.17 -8.16
C PRO B 139 -0.69 -1.49 -8.72
N ARG B 140 -0.06 -2.53 -8.19
CA ARG B 140 1.21 -3.03 -8.71
C ARG B 140 0.92 -4.25 -9.58
N VAL B 141 1.09 -4.08 -10.90
CA VAL B 141 0.56 -4.99 -11.90
C VAL B 141 1.68 -5.73 -12.63
N VAL B 142 1.55 -7.04 -12.77
CA VAL B 142 2.45 -7.80 -13.66
C VAL B 142 1.77 -8.17 -14.97
N ILE B 143 2.47 -7.87 -16.06
CA ILE B 143 2.02 -8.29 -17.37
C ILE B 143 2.85 -9.52 -17.77
N VAL B 144 2.15 -10.63 -17.94
CA VAL B 144 2.77 -11.91 -18.22
C VAL B 144 2.24 -12.42 -19.56
N GLY B 145 3.08 -13.11 -20.33
CA GLY B 145 2.65 -13.66 -21.60
C GLY B 145 3.72 -14.39 -22.40
N GLY B 146 3.32 -14.94 -23.53
CA GLY B 146 4.22 -15.67 -24.41
C GLY B 146 5.12 -14.76 -25.22
N SER B 147 5.92 -15.37 -26.10
CA SER B 147 6.88 -14.64 -26.92
C SER B 147 6.16 -13.72 -27.91
N GLN B 148 6.49 -12.42 -27.85
CA GLN B 148 5.85 -11.35 -28.63
C GLN B 148 4.31 -11.37 -28.60
N THR B 149 3.74 -11.15 -27.41
CA THR B 149 2.28 -11.14 -27.25
C THR B 149 1.71 -9.73 -27.03
N GLY B 150 2.59 -8.75 -26.87
CA GLY B 150 2.16 -7.36 -26.74
C GLY B 150 2.41 -6.71 -25.39
N LYS B 151 3.04 -7.45 -24.47
CA LYS B 151 3.19 -6.98 -23.09
C LYS B 151 4.00 -5.68 -22.94
N THR B 152 5.03 -5.50 -23.75
CA THR B 152 5.82 -4.28 -23.72
C THR B 152 5.01 -3.11 -24.25
N SER B 153 4.36 -3.31 -25.37
CA SER B 153 3.45 -2.33 -25.97
C SER B 153 2.31 -1.97 -25.01
N LEU B 154 1.71 -3.00 -24.42
CA LEU B 154 0.66 -2.83 -23.43
C LEU B 154 1.15 -2.01 -22.23
N SER B 155 2.36 -2.28 -21.78
CA SER B 155 2.99 -1.50 -20.70
C SER B 155 3.10 -0.02 -21.09
N ARG B 156 3.59 0.23 -22.30
CA ARG B 156 3.79 1.59 -22.81
C ARG B 156 2.46 2.32 -22.97
N THR B 157 1.42 1.58 -23.36
CA THR B 157 0.09 2.17 -23.52
C THR B 157 -0.51 2.47 -22.15
N LEU B 158 -0.39 1.54 -21.22
CA LEU B 158 -0.92 1.72 -19.87
C LEU B 158 -0.23 2.86 -19.11
N CYS B 159 1.09 2.96 -19.25
CA CYS B 159 1.84 4.04 -18.63
C CYS B 159 1.40 5.39 -19.20
N SER B 160 1.39 5.48 -20.52
CA SER B 160 0.99 6.69 -21.23
C SER B 160 -0.42 7.16 -20.87
N TYR B 161 -1.34 6.21 -20.70
CA TYR B 161 -2.72 6.52 -20.35
C TYR B 161 -2.89 6.94 -18.90
N ALA B 162 -2.09 6.34 -18.02
CA ALA B 162 -2.13 6.65 -16.59
C ALA B 162 -1.72 8.09 -16.34
N LEU B 163 -0.88 8.60 -17.23
CA LEU B 163 -0.38 9.95 -17.16
C LEU B 163 -1.32 10.94 -17.84
N LYS B 164 -2.06 10.45 -18.83
CA LYS B 164 -2.86 11.29 -19.72
C LYS B 164 -4.07 11.94 -19.05
N PHE B 165 -4.75 11.21 -18.19
CA PHE B 165 -6.07 11.64 -17.71
C PHE B 165 -6.10 12.32 -16.34
N ASN B 166 -5.55 11.67 -15.32
CA ASN B 166 -5.54 12.25 -13.98
C ASN B 166 -4.14 12.58 -13.48
N ALA B 167 -3.23 12.82 -14.41
CA ALA B 167 -1.84 13.23 -14.14
C ALA B 167 -1.13 12.38 -13.08
N TYR B 168 -1.38 11.07 -13.12
CA TYR B 168 -0.65 10.14 -12.25
C TYR B 168 0.81 10.03 -12.66
N GLN B 169 1.57 9.21 -11.93
CA GLN B 169 3.01 9.14 -12.08
C GLN B 169 3.46 7.69 -11.83
N PRO B 170 2.99 6.74 -12.67
CA PRO B 170 3.17 5.34 -12.33
C PRO B 170 4.59 4.89 -12.55
N LEU B 171 5.03 3.92 -11.75
CA LEU B 171 6.39 3.43 -11.80
C LEU B 171 6.47 2.27 -12.77
N TYR B 172 7.17 2.47 -13.89
CA TYR B 172 7.35 1.41 -14.86
C TYR B 172 8.58 0.56 -14.55
N ILE B 173 8.38 -0.75 -14.48
CA ILE B 173 9.46 -1.67 -14.15
C ILE B 173 9.71 -2.65 -15.31
N ASN B 174 10.93 -2.61 -15.84
CA ASN B 174 11.33 -3.50 -16.92
C ASN B 174 12.21 -4.62 -16.39
N LEU B 175 11.75 -5.86 -16.57
CA LEU B 175 12.46 -7.02 -16.04
C LEU B 175 13.07 -7.90 -17.13
N ASP B 176 12.88 -7.52 -18.39
CA ASP B 176 13.49 -8.21 -19.51
C ASP B 176 14.76 -7.46 -19.88
N PRO B 177 15.93 -8.00 -19.52
CA PRO B 177 17.20 -7.30 -19.75
C PRO B 177 17.46 -7.00 -21.23
N GLN B 178 17.07 -7.94 -22.10
CA GLN B 178 17.20 -7.78 -23.57
C GLN B 178 16.58 -6.51 -24.12
N GLN B 179 15.43 -6.12 -23.58
CA GLN B 179 14.69 -4.95 -24.03
C GLN B 179 15.25 -3.69 -23.38
N PRO B 180 15.85 -2.80 -24.21
CA PRO B 180 16.36 -1.55 -23.65
C PRO B 180 15.26 -0.50 -23.57
N ILE B 181 15.00 -0.05 -22.34
CA ILE B 181 14.08 1.06 -22.11
C ILE B 181 14.75 2.04 -21.15
N PHE B 182 14.97 3.26 -21.62
CA PHE B 182 15.55 4.38 -20.87
C PHE B 182 17.05 4.26 -20.58
N THR B 183 17.62 3.09 -20.82
CA THR B 183 18.99 2.79 -20.42
C THR B 183 19.75 2.09 -21.54
N VAL B 184 20.31 0.93 -21.21
CA VAL B 184 21.09 0.12 -22.12
C VAL B 184 20.65 -1.33 -21.96
N PRO B 185 20.98 -2.19 -22.94
CA PRO B 185 20.49 -3.58 -23.00
C PRO B 185 20.84 -4.53 -21.85
N GLY B 186 21.61 -4.10 -20.86
CA GLY B 186 22.00 -5.04 -19.82
C GLY B 186 21.12 -5.13 -18.58
N CYS B 187 20.03 -4.37 -18.54
CA CYS B 187 19.47 -3.99 -17.25
C CYS B 187 18.06 -4.44 -16.89
N ILE B 188 17.83 -4.45 -15.58
CA ILE B 188 16.52 -4.41 -14.99
C ILE B 188 16.37 -2.99 -14.47
N SER B 189 15.19 -2.38 -14.67
CA SER B 189 15.02 -0.95 -14.35
C SER B 189 13.69 -0.61 -13.65
N ALA B 190 13.66 0.56 -13.03
CA ALA B 190 12.43 1.11 -12.45
C ALA B 190 12.39 2.62 -12.70
N THR B 191 11.39 3.06 -13.43
CA THR B 191 11.30 4.46 -13.84
C THR B 191 9.90 5.03 -13.62
N PRO B 192 9.79 6.11 -12.83
CA PRO B 192 8.51 6.80 -12.72
C PRO B 192 8.27 7.62 -13.97
N ILE B 193 7.09 7.45 -14.57
CA ILE B 193 6.71 8.23 -15.74
C ILE B 193 6.17 9.58 -15.28
N SER B 194 7.04 10.59 -15.31
CA SER B 194 6.73 11.93 -14.79
C SER B 194 5.81 12.68 -15.75
N ASP B 195 6.13 12.59 -17.04
CA ASP B 195 5.25 13.10 -18.10
C ASP B 195 5.52 12.46 -19.46
N ILE B 196 4.98 13.06 -20.53
CA ILE B 196 4.96 12.50 -21.89
C ILE B 196 6.21 11.67 -22.25
N LEU B 197 5.97 10.48 -22.81
CA LEU B 197 7.01 9.64 -23.37
C LEU B 197 7.44 10.20 -24.72
N ASP B 198 8.56 9.68 -25.22
CA ASP B 198 9.03 10.11 -26.53
C ASP B 198 8.43 9.22 -27.61
N ALA B 199 7.37 9.71 -28.24
CA ALA B 199 6.62 8.96 -29.25
C ALA B 199 7.49 8.40 -30.37
N GLN B 200 8.65 8.99 -30.60
CA GLN B 200 9.51 8.59 -31.71
C GLN B 200 10.64 7.60 -31.35
N LEU B 201 10.76 7.26 -30.07
CA LEU B 201 11.83 6.36 -29.64
C LEU B 201 11.33 4.97 -29.20
N PRO B 202 12.00 3.91 -29.67
CA PRO B 202 11.73 2.55 -29.23
C PRO B 202 12.18 2.33 -27.79
N THR B 203 13.02 3.23 -27.30
CA THR B 203 13.54 3.21 -25.94
C THR B 203 12.61 3.98 -24.99
N TRP B 204 11.46 4.41 -25.50
CA TRP B 204 10.40 5.09 -24.73
C TRP B 204 10.69 6.55 -24.42
N GLY B 205 11.94 6.94 -24.57
CA GLY B 205 12.43 8.22 -24.09
C GLY B 205 13.77 7.98 -23.46
N GLN B 206 14.33 9.00 -22.83
CA GLN B 206 15.69 8.87 -22.31
C GLN B 206 15.95 9.46 -20.92
N SER B 207 17.06 9.03 -20.35
CA SER B 207 17.54 9.42 -19.03
C SER B 207 17.84 10.92 -18.93
N LEU B 208 17.99 11.42 -17.70
CA LEU B 208 18.22 12.85 -17.46
C LEU B 208 19.51 13.33 -18.08
N THR B 209 19.52 14.57 -18.54
CA THR B 209 20.71 15.16 -19.16
C THR B 209 21.14 16.48 -18.53
N SER B 210 22.22 17.05 -19.05
CA SER B 210 22.85 18.24 -18.49
C SER B 210 22.07 19.53 -18.79
N GLY B 211 21.67 19.72 -20.04
CA GLY B 211 20.99 20.95 -20.46
C GLY B 211 19.51 20.76 -20.76
N ALA B 212 18.84 21.85 -21.14
CA ALA B 212 17.39 21.86 -21.35
C ALA B 212 16.96 21.21 -22.66
N THR B 213 16.00 20.30 -22.57
CA THR B 213 15.47 19.58 -23.73
C THR B 213 14.04 20.04 -24.03
N LEU B 214 13.49 19.57 -25.15
CA LEU B 214 12.08 19.89 -25.46
C LEU B 214 11.12 18.94 -24.74
N LEU B 215 11.62 17.77 -24.34
CA LEU B 215 10.86 16.86 -23.50
C LEU B 215 11.49 16.71 -22.12
N HIS B 216 10.66 16.54 -21.09
CA HIS B 216 11.16 16.27 -19.75
C HIS B 216 11.61 14.81 -19.66
N ASN B 217 12.91 14.62 -19.40
CA ASN B 217 13.51 13.30 -19.35
C ASN B 217 13.27 12.57 -18.03
N LYS B 218 13.69 11.30 -17.95
CA LYS B 218 13.36 10.44 -16.81
C LYS B 218 14.54 10.05 -15.91
N GLN B 219 14.25 9.79 -14.63
CA GLN B 219 15.23 9.27 -13.67
C GLN B 219 15.02 7.78 -13.42
N PRO B 220 15.79 6.94 -14.13
CA PRO B 220 15.64 5.51 -13.96
C PRO B 220 16.37 5.03 -12.71
N MSE B 221 16.00 3.83 -12.26
CA MSE B 221 16.74 3.11 -11.23
C MSE B 221 17.17 1.80 -11.87
O MSE B 221 16.35 0.94 -12.18
CB MSE B 221 15.86 2.89 -9.99
CG MSE B 221 16.40 1.93 -8.95
SE MSE B 221 18.30 2.08 -8.49
CE MSE B 221 18.39 3.94 -7.91
N VAL B 222 18.48 1.68 -12.08
CA VAL B 222 19.07 0.60 -12.86
C VAL B 222 19.68 -0.45 -11.95
N LYS B 223 19.69 -1.72 -12.36
CA LYS B 223 20.30 -2.77 -11.54
C LYS B 223 21.34 -3.66 -12.23
N ASN B 224 21.30 -3.71 -13.57
CA ASN B 224 22.33 -4.40 -14.36
C ASN B 224 22.47 -5.90 -14.11
N PHE B 225 21.80 -6.67 -14.97
CA PHE B 225 22.02 -8.10 -15.08
C PHE B 225 23.30 -8.31 -15.86
N GLY B 226 23.42 -7.65 -17.01
CA GLY B 226 24.67 -7.57 -17.76
C GLY B 226 25.01 -8.74 -18.67
N LEU B 227 24.09 -9.69 -18.80
CA LEU B 227 24.31 -10.85 -19.66
C LEU B 227 23.28 -10.97 -20.76
N GLU B 228 23.67 -11.61 -21.86
CA GLU B 228 22.85 -11.78 -23.06
C GLU B 228 21.38 -12.16 -22.80
N ARG B 229 21.17 -13.21 -22.02
CA ARG B 229 19.83 -13.70 -21.71
C ARG B 229 19.75 -14.45 -20.38
N ILE B 230 18.59 -14.35 -19.74
CA ILE B 230 18.35 -14.80 -18.36
C ILE B 230 18.91 -16.18 -17.99
N ASN B 231 18.69 -17.19 -18.83
CA ASN B 231 19.12 -18.55 -18.50
C ASN B 231 20.63 -18.70 -18.28
N GLU B 232 21.38 -17.64 -18.53
CA GLU B 232 22.82 -17.61 -18.32
C GLU B 232 23.21 -17.51 -16.85
N ASN B 233 22.33 -16.92 -16.05
CA ASN B 233 22.49 -16.86 -14.60
C ASN B 233 21.18 -16.60 -13.88
N LYS B 234 20.41 -17.67 -13.69
CA LYS B 234 19.14 -17.65 -12.97
C LYS B 234 19.20 -16.86 -11.66
N ASP B 235 20.18 -17.20 -10.82
CA ASP B 235 20.34 -16.62 -9.49
C ASP B 235 20.65 -15.14 -9.53
N LEU B 236 21.55 -14.74 -10.43
CA LEU B 236 21.93 -13.35 -10.59
C LEU B 236 20.73 -12.50 -10.98
N TYR B 237 19.93 -13.03 -11.90
CA TYR B 237 18.69 -12.39 -12.33
C TYR B 237 17.74 -12.20 -11.16
N LEU B 238 17.48 -13.28 -10.43
CA LEU B 238 16.60 -13.21 -9.27
C LEU B 238 17.14 -12.21 -8.26
N GLU B 239 18.46 -12.17 -8.11
CA GLU B 239 19.11 -11.31 -7.13
C GLU B 239 18.98 -9.82 -7.50
N CYS B 240 19.04 -9.52 -8.79
CA CYS B 240 18.80 -8.17 -9.28
C CYS B 240 17.41 -7.71 -8.87
N ILE B 241 16.42 -8.57 -9.13
CA ILE B 241 15.03 -8.33 -8.76
C ILE B 241 14.91 -8.06 -7.27
N SER B 242 15.64 -8.83 -6.45
CA SER B 242 15.66 -8.63 -5.02
C SER B 242 16.02 -7.19 -4.63
N GLN B 243 17.13 -6.68 -5.14
CA GLN B 243 17.59 -5.35 -4.74
C GLN B 243 16.87 -4.20 -5.45
N LEU B 244 16.38 -4.46 -6.66
CA LEU B 244 15.52 -3.50 -7.36
C LEU B 244 14.20 -3.38 -6.62
N GLY B 245 13.73 -4.51 -6.10
CA GLY B 245 12.53 -4.54 -5.26
C GLY B 245 12.73 -3.65 -4.05
N GLN B 246 13.92 -3.70 -3.47
CA GLN B 246 14.21 -2.96 -2.26
C GLN B 246 14.17 -1.43 -2.45
N VAL B 247 14.84 -0.94 -3.49
CA VAL B 247 14.81 0.51 -3.78
C VAL B 247 13.42 0.96 -4.17
N VAL B 248 12.75 0.20 -5.03
CA VAL B 248 11.36 0.47 -5.38
C VAL B 248 10.59 0.70 -4.09
N GLY B 249 10.74 -0.23 -3.15
CA GLY B 249 10.10 -0.15 -1.85
C GLY B 249 10.34 1.18 -1.16
N GLN B 250 11.62 1.50 -0.97
CA GLN B 250 12.04 2.74 -0.32
C GLN B 250 11.52 3.99 -1.03
N ARG B 251 11.54 3.97 -2.36
CA ARG B 251 11.03 5.05 -3.17
C ARG B 251 9.53 5.23 -2.94
N LEU B 252 8.80 4.13 -3.05
CA LEU B 252 7.35 4.13 -2.84
C LEU B 252 6.97 4.62 -1.44
N HIS B 253 7.89 4.48 -0.49
CA HIS B 253 7.65 4.89 0.89
C HIS B 253 7.75 6.40 1.08
N LEU B 254 8.72 7.02 0.40
CA LEU B 254 8.99 8.46 0.54
C LEU B 254 8.29 9.35 -0.49
N ASP B 255 7.73 8.74 -1.53
CA ASP B 255 7.15 9.48 -2.67
C ASP B 255 5.65 9.23 -2.83
N PRO B 256 4.80 10.12 -2.26
CA PRO B 256 3.36 9.89 -2.28
C PRO B 256 2.77 9.78 -3.68
N GLN B 257 3.14 10.69 -4.58
CA GLN B 257 2.56 10.73 -5.92
C GLN B 257 2.76 9.44 -6.70
N VAL B 258 3.96 8.86 -6.59
CA VAL B 258 4.27 7.59 -7.26
C VAL B 258 3.53 6.42 -6.59
N ARG B 259 3.53 6.38 -5.26
CA ARG B 259 2.83 5.32 -4.52
C ARG B 259 1.31 5.36 -4.74
N ARG B 260 0.75 6.56 -4.77
CA ARG B 260 -0.67 6.78 -5.07
C ARG B 260 -0.97 6.25 -6.47
N SER B 261 -0.03 6.49 -7.38
CA SER B 261 -0.12 5.99 -8.74
C SER B 261 0.17 4.51 -8.78
N GLY B 262 -0.10 3.90 -9.92
CA GLY B 262 0.15 2.48 -10.08
C GLY B 262 1.61 2.08 -10.07
N CYS B 263 1.88 0.97 -10.76
CA CYS B 263 3.19 0.36 -10.81
C CYS B 263 3.10 -0.79 -11.77
N ILE B 264 3.69 -0.62 -12.96
CA ILE B 264 3.53 -1.59 -14.05
C ILE B 264 4.81 -2.39 -14.31
N VAL B 265 4.71 -3.71 -14.26
CA VAL B 265 5.88 -4.59 -14.33
C VAL B 265 5.90 -5.44 -15.61
N ASP B 266 6.72 -5.03 -16.57
CA ASP B 266 6.94 -5.77 -17.81
C ASP B 266 7.84 -6.97 -17.55
N THR B 267 7.36 -8.16 -17.91
CA THR B 267 8.10 -9.42 -17.73
C THR B 267 8.68 -9.92 -19.06
N PRO B 268 9.83 -10.63 -19.03
CA PRO B 268 10.26 -11.37 -20.22
C PRO B 268 9.29 -12.49 -20.52
N SER B 269 9.30 -13.01 -21.75
CA SER B 269 8.37 -14.08 -22.14
C SER B 269 8.54 -15.32 -21.27
N ILE B 270 7.43 -15.98 -20.96
CA ILE B 270 7.45 -17.19 -20.11
C ILE B 270 8.26 -18.34 -20.72
N SER B 271 8.57 -18.21 -22.00
CA SER B 271 9.48 -19.13 -22.68
C SER B 271 10.94 -18.91 -22.26
N GLN B 272 11.20 -17.77 -21.61
CA GLN B 272 12.51 -17.45 -21.07
C GLN B 272 12.62 -17.79 -19.57
N LEU B 273 11.50 -18.20 -18.98
CA LEU B 273 11.46 -18.61 -17.57
C LEU B 273 11.26 -20.11 -17.45
N ASP B 274 11.25 -20.63 -16.22
CA ASP B 274 11.05 -22.06 -15.97
C ASP B 274 9.59 -22.46 -16.12
N GLU B 275 9.35 -23.71 -16.50
CA GLU B 275 7.99 -24.24 -16.59
C GLU B 275 7.48 -24.70 -15.23
N ASN B 276 7.27 -23.72 -14.36
CA ASN B 276 6.67 -23.85 -13.03
C ASN B 276 6.52 -22.44 -12.50
N LEU B 277 7.15 -21.51 -13.22
CA LEU B 277 7.04 -20.07 -13.02
C LEU B 277 7.52 -19.62 -11.64
N ALA B 278 8.50 -20.36 -11.10
CA ALA B 278 9.11 -20.03 -9.81
C ALA B 278 9.62 -18.59 -9.77
N GLU B 279 9.99 -18.08 -10.94
CA GLU B 279 10.51 -16.73 -11.11
C GLU B 279 9.47 -15.67 -10.77
N LEU B 280 8.23 -15.92 -11.20
CA LEU B 280 7.14 -14.97 -10.97
C LEU B 280 6.79 -14.87 -9.49
N HIS B 281 6.83 -15.99 -8.77
CA HIS B 281 6.67 -15.97 -7.32
C HIS B 281 7.60 -14.95 -6.71
N HIS B 282 8.89 -15.08 -7.01
CA HIS B 282 9.92 -14.16 -6.56
C HIS B 282 9.59 -12.73 -6.99
N ILE B 283 9.32 -12.53 -8.28
CA ILE B 283 8.93 -11.22 -8.80
C ILE B 283 7.78 -10.63 -8.00
N ILE B 284 6.74 -11.44 -7.77
CA ILE B 284 5.56 -10.98 -7.04
C ILE B 284 5.88 -10.57 -5.62
N GLU B 285 6.55 -11.44 -4.87
CA GLU B 285 6.83 -11.16 -3.47
C GLU B 285 7.84 -10.03 -3.26
N LYS B 286 8.79 -9.88 -4.18
CA LYS B 286 9.84 -8.87 -4.05
C LYS B 286 9.40 -7.49 -4.54
N LEU B 287 8.39 -7.46 -5.39
CA LEU B 287 7.84 -6.20 -5.88
C LEU B 287 6.41 -5.97 -5.38
N ASN B 288 6.00 -6.79 -4.41
CA ASN B 288 4.67 -6.69 -3.81
C ASN B 288 3.55 -6.51 -4.83
N VAL B 289 3.56 -7.36 -5.85
CA VAL B 289 2.57 -7.30 -6.92
C VAL B 289 1.25 -7.83 -6.39
N ASN B 290 0.17 -7.10 -6.62
CA ASN B 290 -1.15 -7.47 -6.12
C ASN B 290 -2.18 -7.84 -7.20
N ILE B 291 -1.90 -7.45 -8.44
CA ILE B 291 -2.75 -7.80 -9.58
C ILE B 291 -1.94 -8.29 -10.79
N MSE B 292 -2.41 -9.39 -11.39
CA MSE B 292 -1.74 -10.00 -12.53
C MSE B 292 -2.53 -9.88 -13.83
O MSE B 292 -3.75 -10.06 -13.85
CB MSE B 292 -1.43 -11.47 -12.26
CG MSE B 292 -0.76 -12.17 -13.42
SE MSE B 292 -0.12 -13.95 -12.99
CE MSE B 292 1.28 -13.50 -11.71
N LEU B 293 -1.81 -9.63 -14.91
CA LEU B 293 -2.41 -9.37 -16.19
C LEU B 293 -1.80 -10.33 -17.21
N VAL B 294 -2.60 -11.28 -17.68
CA VAL B 294 -2.11 -12.37 -18.52
C VAL B 294 -2.48 -12.22 -19.99
N LEU B 295 -1.46 -12.12 -20.84
CA LEU B 295 -1.65 -12.06 -22.29
C LEU B 295 -1.55 -13.46 -22.87
N CYS B 296 -2.69 -14.00 -23.26
CA CYS B 296 -2.83 -15.42 -23.48
C CYS B 296 -3.99 -15.70 -24.42
N SER B 297 -3.91 -16.83 -25.12
CA SER B 297 -5.03 -17.30 -25.94
C SER B 297 -6.02 -18.07 -25.07
N GLU B 298 -7.29 -17.67 -25.10
CA GLU B 298 -8.33 -18.39 -24.38
C GLU B 298 -8.24 -19.86 -24.78
N THR B 299 -8.12 -20.73 -23.77
CA THR B 299 -7.73 -22.14 -23.94
C THR B 299 -6.23 -22.25 -24.28
N ASP B 300 -5.42 -22.14 -23.22
CA ASP B 300 -3.99 -22.35 -23.27
C ASP B 300 -3.63 -22.70 -21.83
N PRO B 301 -3.17 -23.96 -21.60
CA PRO B 301 -2.79 -24.45 -20.28
C PRO B 301 -2.20 -23.39 -19.37
N LEU B 302 -1.48 -22.43 -19.96
CA LEU B 302 -0.89 -21.30 -19.24
C LEU B 302 -1.91 -20.53 -18.39
N TRP B 303 -3.07 -20.25 -18.94
CA TRP B 303 -4.13 -19.54 -18.22
C TRP B 303 -4.54 -20.29 -16.96
N GLU B 304 -4.88 -21.56 -17.12
CA GLU B 304 -5.23 -22.42 -16.01
C GLU B 304 -4.05 -22.62 -15.06
N LYS B 305 -2.84 -22.58 -15.62
CA LYS B 305 -1.62 -22.72 -14.83
C LYS B 305 -1.46 -21.53 -13.89
N VAL B 306 -1.73 -20.34 -14.42
CA VAL B 306 -1.63 -19.10 -13.64
C VAL B 306 -2.66 -19.06 -12.51
N LYS B 307 -3.91 -19.42 -12.82
CA LYS B 307 -4.98 -19.52 -11.82
C LYS B 307 -4.62 -20.47 -10.68
N LYS B 308 -4.19 -21.68 -11.02
CA LYS B 308 -3.84 -22.72 -10.05
C LYS B 308 -2.62 -22.36 -9.21
N THR B 309 -1.70 -21.60 -9.80
CA THR B 309 -0.41 -21.33 -9.17
C THR B 309 -0.41 -20.02 -8.37
N PHE B 310 -0.89 -18.94 -8.98
CA PHE B 310 -0.83 -17.61 -8.36
C PHE B 310 -2.14 -17.15 -7.73
N GLY B 311 -3.25 -17.75 -8.16
CA GLY B 311 -4.55 -17.52 -7.53
C GLY B 311 -4.49 -17.60 -6.02
N PRO B 312 -3.98 -18.73 -5.46
CA PRO B 312 -3.69 -18.83 -4.03
C PRO B 312 -3.08 -17.58 -3.41
N GLU B 313 -2.15 -16.94 -4.12
CA GLU B 313 -1.43 -15.78 -3.58
C GLU B 313 -2.08 -14.42 -3.86
N LEU B 314 -2.65 -14.28 -5.05
CA LEU B 314 -3.19 -13.00 -5.51
C LEU B 314 -4.70 -12.88 -5.35
N GLY B 315 -5.38 -14.02 -5.40
CA GLY B 315 -6.85 -14.05 -5.46
C GLY B 315 -7.29 -14.00 -6.91
N ASN B 316 -8.11 -14.98 -7.31
CA ASN B 316 -8.58 -15.09 -8.69
C ASN B 316 -9.26 -13.86 -9.27
N ASN B 317 -9.78 -13.00 -8.40
CA ASN B 317 -10.41 -11.74 -8.82
C ASN B 317 -9.38 -10.74 -9.33
N ASN B 318 -8.13 -10.96 -8.97
CA ASN B 318 -7.05 -10.05 -9.31
C ASN B 318 -6.15 -10.54 -10.43
N ILE B 319 -6.62 -11.55 -11.16
CA ILE B 319 -5.92 -12.05 -12.34
C ILE B 319 -6.83 -11.92 -13.56
N PHE B 320 -6.32 -11.33 -14.63
CA PHE B 320 -7.15 -10.99 -15.79
C PHE B 320 -6.57 -11.51 -17.10
N PHE B 321 -7.44 -12.03 -17.98
CA PHE B 321 -6.99 -12.48 -19.29
C PHE B 321 -7.27 -11.49 -20.43
N ILE B 322 -6.32 -11.39 -21.35
CA ILE B 322 -6.49 -10.61 -22.58
C ILE B 322 -6.12 -11.47 -23.78
N PRO B 323 -7.06 -11.64 -24.75
CA PRO B 323 -6.75 -12.38 -25.98
C PRO B 323 -5.75 -11.66 -26.87
N LYS B 324 -5.41 -12.26 -28.00
CA LYS B 324 -4.41 -11.71 -28.92
C LYS B 324 -4.72 -10.29 -29.37
N LEU B 325 -3.81 -9.37 -29.06
CA LEU B 325 -3.89 -7.99 -29.52
C LEU B 325 -3.56 -7.89 -30.99
N ASP B 326 -4.27 -7.01 -31.70
CA ASP B 326 -4.01 -6.78 -33.12
C ASP B 326 -2.69 -6.06 -33.34
N GLY B 327 -2.09 -6.31 -34.49
CA GLY B 327 -0.87 -5.61 -34.89
C GLY B 327 0.44 -6.14 -34.33
N VAL B 328 0.38 -6.84 -33.20
CA VAL B 328 1.57 -7.41 -32.56
C VAL B 328 2.22 -8.45 -33.47
N SER B 329 3.44 -8.14 -33.94
CA SER B 329 4.13 -9.00 -34.90
C SER B 329 5.36 -9.69 -34.31
N ALA B 330 5.80 -10.74 -34.99
CA ALA B 330 6.98 -11.52 -34.58
C ALA B 330 8.26 -10.70 -34.66
N VAL B 331 9.20 -11.02 -33.79
CA VAL B 331 10.49 -10.32 -33.73
C VAL B 331 11.61 -11.35 -33.59
N ASP B 332 12.59 -11.28 -34.51
CA ASP B 332 13.75 -12.17 -34.46
C ASP B 332 14.92 -11.51 -33.73
N ASP B 333 16.06 -12.21 -33.66
CA ASP B 333 17.26 -11.67 -33.02
C ASP B 333 17.90 -10.51 -33.79
N VAL B 334 17.89 -10.60 -35.12
CA VAL B 334 18.47 -9.57 -35.98
C VAL B 334 17.92 -8.20 -35.61
N TYR B 335 16.59 -8.09 -35.56
CA TYR B 335 15.93 -6.83 -35.22
C TYR B 335 16.17 -6.45 -33.77
N LYS B 336 16.23 -7.45 -32.89
CA LYS B 336 16.43 -7.21 -31.47
C LYS B 336 17.81 -6.59 -31.19
N ARG B 337 18.84 -7.11 -31.87
CA ARG B 337 20.20 -6.60 -31.71
C ARG B 337 20.36 -5.18 -32.28
N SER B 338 19.67 -4.92 -33.38
CA SER B 338 19.67 -3.60 -34.01
C SER B 338 19.05 -2.55 -33.08
N LEU B 339 18.04 -2.96 -32.32
CA LEU B 339 17.39 -2.10 -31.34
C LEU B 339 18.31 -1.86 -30.14
N GLN B 340 19.10 -2.89 -29.80
CA GLN B 340 20.07 -2.81 -28.72
C GLN B 340 21.19 -1.85 -29.09
N ARG B 341 21.67 -1.95 -30.34
CA ARG B 341 22.70 -1.06 -30.88
C ARG B 341 22.22 0.40 -30.85
N THR B 342 20.97 0.61 -31.19
CA THR B 342 20.36 1.94 -31.14
C THR B 342 20.42 2.51 -29.72
N SER B 343 19.98 1.71 -28.74
CA SER B 343 19.87 2.16 -27.36
C SER B 343 21.20 2.57 -26.74
N ILE B 344 22.28 1.90 -27.16
CA ILE B 344 23.62 2.18 -26.66
C ILE B 344 24.13 3.52 -27.19
N ARG B 345 23.91 3.79 -28.47
CA ARG B 345 24.30 5.06 -29.05
C ARG B 345 23.55 6.21 -28.38
N GLU B 346 22.26 6.02 -28.13
CA GLU B 346 21.44 7.03 -27.45
C GLU B 346 21.93 7.35 -26.04
N TYR B 347 22.49 6.37 -25.35
CA TYR B 347 23.02 6.59 -24.01
C TYR B 347 24.15 7.61 -24.01
N PHE B 348 25.00 7.54 -25.02
CA PHE B 348 26.16 8.41 -25.10
C PHE B 348 25.90 9.67 -25.92
N TYR B 349 25.18 9.52 -27.03
CA TYR B 349 24.99 10.61 -27.99
C TYR B 349 23.57 11.16 -28.06
N GLY B 350 22.60 10.42 -27.52
CA GLY B 350 21.20 10.86 -27.51
C GLY B 350 20.43 10.51 -28.76
N SER B 351 19.25 11.12 -28.90
CA SER B 351 18.40 10.90 -30.07
C SER B 351 18.77 11.87 -31.20
N LEU B 352 17.96 11.89 -32.26
CA LEU B 352 18.20 12.75 -33.42
C LEU B 352 18.08 14.24 -33.12
N ASP B 353 17.16 14.59 -32.21
CA ASP B 353 16.91 16.00 -31.86
C ASP B 353 17.34 16.32 -30.43
N THR B 354 18.28 15.53 -29.91
CA THR B 354 18.84 15.75 -28.58
C THR B 354 20.33 15.41 -28.63
N ALA B 355 21.10 16.30 -29.24
CA ALA B 355 22.54 16.09 -29.41
C ALA B 355 23.27 16.10 -28.07
N LEU B 356 23.81 14.95 -27.69
CA LEU B 356 24.62 14.84 -26.48
C LEU B 356 26.09 14.66 -26.82
N SER B 357 26.95 15.24 -26.00
CA SER B 357 28.40 15.22 -26.22
C SER B 357 29.12 14.46 -25.08
N PRO B 358 29.40 13.16 -25.28
CA PRO B 358 30.12 12.36 -24.30
C PRO B 358 31.62 12.66 -24.33
N TYR B 359 32.38 12.02 -23.44
CA TYR B 359 33.78 12.40 -23.20
C TYR B 359 34.72 11.18 -23.34
N ALA B 360 35.70 11.30 -24.22
CA ALA B 360 36.65 10.23 -24.49
C ALA B 360 37.91 10.43 -23.67
N ILE B 361 38.34 9.37 -22.98
CA ILE B 361 39.54 9.43 -22.15
C ILE B 361 40.48 8.27 -22.44
N GLY B 362 41.78 8.56 -22.41
CA GLY B 362 42.81 7.53 -22.50
C GLY B 362 43.29 7.16 -21.11
N VAL B 363 43.12 5.90 -20.74
CA VAL B 363 43.41 5.44 -19.38
C VAL B 363 44.37 4.24 -19.39
N ASP B 364 44.84 3.83 -18.21
CA ASP B 364 45.74 2.69 -18.08
C ASP B 364 45.06 1.46 -17.48
N TYR B 365 45.61 0.29 -17.77
CA TYR B 365 45.10 -1.01 -17.30
C TYR B 365 44.91 -1.07 -15.78
N GLU B 366 45.84 -0.45 -15.04
CA GLU B 366 45.84 -0.49 -13.58
C GLU B 366 45.05 0.67 -12.95
N ASP B 367 44.29 1.38 -13.77
CA ASP B 367 43.40 2.45 -13.30
C ASP B 367 41.95 1.99 -13.33
N LEU B 368 41.75 0.72 -13.68
CA LEU B 368 40.44 0.10 -13.72
C LEU B 368 40.43 -1.23 -12.97
N THR B 369 39.37 -1.48 -12.22
CA THR B 369 39.16 -2.79 -11.61
C THR B 369 37.84 -3.36 -12.11
N ILE B 370 37.94 -4.29 -13.06
CA ILE B 370 36.78 -4.84 -13.73
C ILE B 370 36.46 -6.27 -13.26
N TRP B 371 35.21 -6.48 -12.87
CA TRP B 371 34.69 -7.79 -12.52
C TRP B 371 33.77 -8.30 -13.62
N LYS B 372 33.75 -9.61 -13.85
CA LYS B 372 32.76 -10.21 -14.75
C LYS B 372 31.90 -11.22 -13.98
N PRO B 373 30.58 -11.27 -14.24
CA PRO B 373 29.67 -12.13 -13.51
C PRO B 373 29.87 -13.62 -13.78
N SER B 374 29.21 -14.46 -12.99
CA SER B 374 29.22 -15.89 -13.20
C SER B 374 28.43 -16.24 -14.46
N ASN B 375 28.84 -17.31 -15.14
CA ASN B 375 28.27 -17.71 -16.42
C ASN B 375 27.86 -19.16 -16.46
N VAL B 376 26.90 -19.48 -17.32
CA VAL B 376 26.67 -20.86 -17.74
C VAL B 376 27.80 -21.24 -18.71
N PHE B 377 28.17 -20.29 -19.56
CA PHE B 377 29.23 -20.46 -20.56
C PHE B 377 30.63 -20.65 -19.95
N ASP B 378 30.89 -19.94 -18.85
CA ASP B 378 32.19 -20.02 -18.17
C ASP B 378 32.21 -21.07 -17.05
N ASN B 379 31.19 -21.05 -16.19
CA ASN B 379 31.21 -21.83 -14.94
C ASN B 379 30.10 -22.87 -14.79
N GLU B 380 29.62 -23.40 -15.90
CA GLU B 380 28.54 -24.41 -15.93
C GLU B 380 27.20 -23.92 -15.36
N VAL B 381 27.14 -23.77 -14.03
CA VAL B 381 25.90 -23.41 -13.36
C VAL B 381 25.70 -21.89 -13.24
N GLY B 382 26.61 -21.21 -12.54
CA GLY B 382 26.50 -19.76 -12.36
C GLY B 382 25.70 -19.37 -11.13
N ARG B 383 26.34 -18.64 -10.23
CA ARG B 383 25.73 -18.22 -8.98
C ARG B 383 25.91 -16.72 -8.78
N VAL B 384 25.48 -16.21 -7.63
CA VAL B 384 25.62 -14.80 -7.30
C VAL B 384 27.05 -14.52 -6.86
N GLU B 385 27.93 -14.31 -7.84
CA GLU B 385 29.34 -14.04 -7.60
C GLU B 385 29.99 -13.52 -8.88
N LEU B 386 31.01 -12.67 -8.73
CA LEU B 386 31.74 -12.17 -9.89
C LEU B 386 33.26 -12.30 -9.73
N PHE B 387 33.92 -12.62 -10.84
CA PHE B 387 35.36 -12.87 -10.87
C PHE B 387 36.15 -11.70 -11.46
N PRO B 388 37.40 -11.49 -11.00
CA PRO B 388 38.28 -10.45 -11.54
C PRO B 388 38.63 -10.67 -13.01
N VAL B 389 38.83 -9.59 -13.75
CA VAL B 389 39.05 -9.65 -15.21
C VAL B 389 40.46 -9.26 -15.59
N THR B 390 41.14 -10.14 -16.33
CA THR B 390 42.42 -9.81 -16.96
C THR B 390 42.13 -9.06 -18.26
N ILE B 391 42.85 -7.97 -18.49
CA ILE B 391 42.58 -7.09 -19.63
C ILE B 391 43.20 -7.61 -20.93
N THR B 392 42.34 -8.09 -21.82
CA THR B 392 42.74 -8.54 -23.16
C THR B 392 41.93 -7.72 -24.18
N PRO B 393 42.52 -7.46 -25.37
CA PRO B 393 41.71 -6.95 -26.48
C PRO B 393 40.54 -7.90 -26.79
N SER B 394 40.78 -9.20 -26.63
CA SER B 394 39.74 -10.23 -26.75
C SER B 394 38.62 -10.00 -25.73
N ASN B 395 38.97 -9.42 -24.58
CA ASN B 395 38.05 -9.22 -23.47
C ASN B 395 37.21 -7.96 -23.56
N LEU B 396 37.89 -6.83 -23.71
CA LEU B 396 37.27 -5.53 -23.41
C LEU B 396 37.04 -4.60 -24.59
N GLN B 397 37.58 -4.93 -25.76
CA GLN B 397 37.36 -4.09 -26.93
C GLN B 397 35.89 -4.04 -27.29
N HIS B 398 35.41 -2.81 -27.49
CA HIS B 398 34.00 -2.52 -27.78
C HIS B 398 33.04 -2.92 -26.65
N ALA B 399 33.59 -3.23 -25.47
CA ALA B 399 32.78 -3.72 -24.35
C ALA B 399 32.14 -2.61 -23.54
N ILE B 400 30.87 -2.79 -23.22
CA ILE B 400 30.15 -1.90 -22.31
C ILE B 400 30.40 -2.35 -20.87
N ILE B 401 30.81 -1.42 -20.04
CA ILE B 401 31.13 -1.71 -18.65
C ILE B 401 30.22 -0.91 -17.72
N ALA B 402 29.60 -1.61 -16.75
CA ALA B 402 28.82 -0.96 -15.71
C ALA B 402 29.73 -0.41 -14.63
N ILE B 403 29.43 0.81 -14.16
CA ILE B 403 30.21 1.46 -13.10
C ILE B 403 29.42 1.50 -11.80
N THR B 404 30.00 0.93 -10.73
CA THR B 404 29.32 0.91 -9.43
C THR B 404 29.73 2.09 -8.55
N PHE B 405 29.08 2.21 -7.40
CA PHE B 405 29.39 3.26 -6.43
C PHE B 405 30.47 2.84 -5.45
N ALA B 406 30.74 1.54 -5.41
CA ALA B 406 31.76 0.97 -4.52
C ALA B 406 33.16 1.36 -4.96
N GLU B 407 34.02 1.64 -3.98
CA GLU B 407 35.42 1.96 -4.25
C GLU B 407 36.15 0.80 -4.92
N ARG B 408 37.30 1.08 -5.51
CA ARG B 408 38.07 0.06 -6.24
C ARG B 408 38.50 -1.10 -5.34
N ARG B 409 39.02 -0.77 -4.16
CA ARG B 409 39.56 -1.77 -3.23
C ARG B 409 38.48 -2.59 -2.50
N ALA B 410 37.25 -2.51 -2.97
CA ALA B 410 36.13 -3.22 -2.34
C ALA B 410 36.03 -4.67 -2.78
N ASP B 411 35.64 -5.53 -1.84
CA ASP B 411 35.46 -6.97 -2.09
C ASP B 411 34.21 -7.23 -2.94
N GLN B 412 34.07 -8.46 -3.40
CA GLN B 412 32.99 -8.82 -4.34
C GLN B 412 31.58 -8.78 -3.73
N ALA B 413 31.48 -9.07 -2.43
CA ALA B 413 30.20 -9.06 -1.74
C ALA B 413 29.59 -7.66 -1.66
N THR B 414 30.46 -6.64 -1.58
CA THR B 414 30.04 -5.25 -1.57
C THR B 414 29.64 -4.82 -2.97
N VAL B 415 30.48 -5.16 -3.95
CA VAL B 415 30.29 -4.76 -5.35
C VAL B 415 28.97 -5.30 -5.90
N ILE B 416 28.74 -6.60 -5.71
CA ILE B 416 27.56 -7.27 -6.26
C ILE B 416 26.24 -6.57 -5.96
N LYS B 417 26.17 -5.85 -4.85
CA LYS B 417 24.98 -5.06 -4.53
C LYS B 417 25.26 -3.56 -4.35
N SER B 418 26.34 -3.09 -4.95
CA SER B 418 26.57 -1.67 -5.10
C SER B 418 25.75 -1.14 -6.29
N PRO B 419 25.01 -0.03 -6.10
CA PRO B 419 24.18 0.55 -7.16
C PRO B 419 24.98 0.95 -8.40
N ILE B 420 24.30 1.23 -9.50
CA ILE B 420 24.95 1.55 -10.78
C ILE B 420 24.98 3.06 -11.05
N LEU B 421 26.19 3.56 -11.30
CA LEU B 421 26.42 4.98 -11.60
C LEU B 421 26.14 5.24 -13.06
N GLY B 422 26.66 4.37 -13.92
CA GLY B 422 26.53 4.49 -15.36
C GLY B 422 27.32 3.45 -16.13
N PHE B 423 27.46 3.68 -17.43
CA PHE B 423 28.10 2.71 -18.32
C PHE B 423 29.18 3.35 -19.16
N ALA B 424 30.19 2.57 -19.53
CA ALA B 424 31.28 3.06 -20.35
C ALA B 424 31.58 2.15 -21.53
N LEU B 425 31.84 2.76 -22.68
CA LEU B 425 32.25 2.02 -23.88
C LEU B 425 33.76 2.03 -23.95
N ILE B 426 34.34 0.94 -24.42
CA ILE B 426 35.77 0.89 -24.66
C ILE B 426 36.04 0.82 -26.16
N THR B 427 36.66 1.86 -26.69
CA THR B 427 36.99 1.95 -28.11
C THR B 427 38.16 1.04 -28.47
N GLU B 428 39.29 1.24 -27.81
CA GLU B 428 40.50 0.49 -28.08
C GLU B 428 41.08 -0.11 -26.81
N VAL B 429 41.72 -1.28 -26.96
CA VAL B 429 42.53 -1.86 -25.92
C VAL B 429 43.92 -2.06 -26.53
N ASN B 430 44.87 -1.23 -26.11
CA ASN B 430 46.23 -1.31 -26.63
C ASN B 430 47.11 -2.18 -25.75
N GLU B 431 47.20 -3.46 -26.10
CA GLU B 431 47.96 -4.44 -25.33
C GLU B 431 49.47 -4.31 -25.50
N LYS B 432 49.89 -3.75 -26.63
CA LYS B 432 51.32 -3.61 -26.94
C LYS B 432 51.99 -2.50 -26.12
N ARG B 433 51.19 -1.51 -25.72
CA ARG B 433 51.57 -0.61 -24.64
C ARG B 433 50.95 -1.14 -23.36
N ARG B 434 49.91 -0.46 -22.87
CA ARG B 434 49.13 -0.92 -21.71
C ARG B 434 47.97 0.04 -21.43
N LYS B 435 47.37 0.56 -22.50
CA LYS B 435 46.38 1.63 -22.35
C LYS B 435 45.04 1.36 -23.04
N LEU B 436 43.99 2.01 -22.55
CA LEU B 436 42.63 1.84 -23.07
C LEU B 436 42.08 3.17 -23.57
N ARG B 437 41.24 3.10 -24.61
CA ARG B 437 40.46 4.26 -25.04
C ARG B 437 39.02 4.06 -24.61
N VAL B 438 38.65 4.70 -23.51
CA VAL B 438 37.35 4.50 -22.88
C VAL B 438 36.43 5.69 -23.14
N LEU B 439 35.19 5.40 -23.54
CA LEU B 439 34.18 6.43 -23.72
C LEU B 439 33.30 6.54 -22.48
N LEU B 440 33.15 7.75 -21.98
CA LEU B 440 32.34 8.05 -20.80
C LEU B 440 31.13 8.90 -21.18
N PRO B 441 29.99 8.71 -20.48
CA PRO B 441 28.79 9.51 -20.73
C PRO B 441 28.86 10.91 -20.14
N VAL B 442 29.55 11.05 -19.02
CA VAL B 442 29.66 12.34 -18.33
C VAL B 442 31.08 12.91 -18.44
N PRO B 443 31.23 14.03 -19.15
CA PRO B 443 32.48 14.76 -19.18
C PRO B 443 32.98 15.02 -17.78
N GLY B 444 34.24 14.65 -17.55
CA GLY B 444 34.87 14.88 -16.25
C GLY B 444 35.92 13.85 -15.91
N ARG B 445 36.10 13.64 -14.60
CA ARG B 445 37.04 12.68 -14.08
C ARG B 445 36.51 11.28 -14.34
N LEU B 446 37.43 10.34 -14.58
CA LEU B 446 37.09 8.92 -14.65
C LEU B 446 36.82 8.44 -13.23
N PRO B 447 35.58 8.00 -12.94
CA PRO B 447 35.25 7.57 -11.58
C PRO B 447 36.11 6.40 -11.14
N SER B 448 36.89 6.59 -10.06
CA SER B 448 37.69 5.51 -9.51
C SER B 448 36.80 4.61 -8.66
N LYS B 449 36.15 3.68 -9.35
CA LYS B 449 35.18 2.78 -8.73
C LYS B 449 35.39 1.36 -9.28
N ALA B 450 34.80 0.39 -8.59
CA ALA B 450 34.74 -0.98 -9.10
C ALA B 450 33.77 -1.01 -10.29
N MSE B 451 34.04 -1.87 -11.24
CA MSE B 451 33.25 -1.91 -12.47
C MSE B 451 32.89 -3.34 -12.88
O MSE B 451 33.65 -4.27 -12.61
CB MSE B 451 33.99 -1.21 -13.60
CG MSE B 451 34.03 0.31 -13.47
SE MSE B 451 35.41 1.11 -14.60
CE MSE B 451 35.26 2.97 -14.00
N ILE B 452 31.72 -3.50 -13.51
CA ILE B 452 31.26 -4.81 -13.95
C ILE B 452 31.14 -4.88 -15.48
N LEU B 453 31.80 -5.88 -16.06
CA LEU B 453 31.77 -6.13 -17.50
C LEU B 453 30.43 -6.74 -17.89
N THR B 454 29.86 -6.26 -18.98
CA THR B 454 28.61 -6.80 -19.51
C THR B 454 28.87 -7.46 -20.86
N SER B 455 27.99 -8.38 -21.24
CA SER B 455 28.13 -9.12 -22.49
C SER B 455 28.00 -8.25 -23.74
N TYR B 456 27.45 -7.05 -23.56
CA TYR B 456 27.05 -6.20 -24.67
C TYR B 456 28.22 -5.41 -25.28
N ARG B 457 28.36 -5.53 -26.59
CA ARG B 457 29.43 -4.87 -27.33
C ARG B 457 28.85 -3.87 -28.33
N TYR B 458 29.54 -2.74 -28.49
CA TYR B 458 29.13 -1.71 -29.44
C TYR B 458 30.32 -1.29 -30.30
N LEU B 459 30.16 -1.36 -31.62
CA LEU B 459 31.26 -1.11 -32.54
C LEU B 459 31.36 0.37 -32.96
N GLU B 460 30.66 0.73 -34.04
CA GLU B 460 30.71 2.11 -34.53
C GLU B 460 29.66 3.00 -33.88
N ILE C 24 -6.58 19.18 37.91
CA ILE C 24 -7.85 19.60 37.26
C ILE C 24 -7.71 19.58 35.73
N GLN C 25 -8.33 18.57 35.11
CA GLN C 25 -8.24 18.38 33.66
C GLN C 25 -9.62 18.14 33.06
N SER C 26 -9.68 18.03 31.73
CA SER C 26 -10.92 17.79 31.00
C SER C 26 -10.69 17.01 29.70
N ARG C 27 -11.73 16.35 29.22
CA ARG C 27 -11.71 15.67 27.93
C ARG C 27 -11.58 16.68 26.79
N ASN C 28 -11.01 16.24 25.67
CA ASN C 28 -10.87 17.08 24.49
C ASN C 28 -11.84 16.71 23.39
N TRP C 29 -12.14 17.67 22.51
CA TRP C 29 -12.88 17.40 21.30
C TRP C 29 -12.01 16.60 20.35
N TYR C 30 -12.63 15.79 19.48
CA TYR C 30 -11.89 15.09 18.45
C TYR C 30 -11.49 16.03 17.30
N LEU C 31 -10.52 15.59 16.49
CA LEU C 31 -10.10 16.36 15.33
C LEU C 31 -11.05 16.10 14.16
N SER C 32 -11.10 17.05 13.22
CA SER C 32 -11.89 16.89 12.01
C SER C 32 -11.25 15.85 11.10
N ASP C 33 -11.94 15.49 10.02
CA ASP C 33 -11.49 14.44 9.10
C ASP C 33 -10.09 14.70 8.54
N SER C 34 -9.92 15.85 7.89
CA SER C 34 -8.63 16.25 7.31
C SER C 34 -7.56 16.46 8.39
N GLN C 35 -7.97 17.06 9.49
CA GLN C 35 -7.08 17.40 10.60
C GLN C 35 -6.48 16.18 11.30
N TRP C 36 -7.26 15.10 11.37
CA TRP C 36 -6.79 13.85 11.96
C TRP C 36 -5.81 13.14 11.02
N ALA C 37 -6.06 13.27 9.72
CA ALA C 37 -5.23 12.63 8.70
C ALA C 37 -3.82 13.20 8.70
N ALA C 38 -3.71 14.51 8.98
CA ALA C 38 -2.42 15.17 9.05
C ALA C 38 -1.70 14.91 10.38
N PHE C 39 -2.48 14.56 11.42
CA PHE C 39 -1.95 14.37 12.78
C PHE C 39 -0.91 13.26 12.90
N LYS C 40 0.14 13.54 13.65
CA LYS C 40 1.18 12.55 13.94
C LYS C 40 1.14 12.26 15.43
N ASP C 41 1.20 10.98 15.79
CA ASP C 41 1.10 10.60 17.21
C ASP C 41 2.36 10.92 18.01
N ASP C 42 3.41 11.35 17.32
CA ASP C 42 4.64 11.80 17.97
C ASP C 42 4.44 13.10 18.74
N GLU C 43 3.40 13.85 18.36
CA GLU C 43 2.99 15.05 19.08
C GLU C 43 2.47 14.69 20.47
N ILE C 44 1.70 13.60 20.57
CA ILE C 44 1.23 13.06 21.85
C ILE C 44 2.40 12.61 22.72
N THR C 45 3.36 11.91 22.11
CA THR C 45 4.55 11.41 22.80
C THR C 45 5.63 12.49 22.77
N LYS D 22 29.09 26.64 -30.23
CA LYS D 22 27.73 26.05 -30.04
C LYS D 22 27.57 25.40 -28.67
N ASN D 23 26.34 25.46 -28.14
CA ASN D 23 25.99 24.86 -26.84
C ASN D 23 26.27 23.35 -26.78
N ILE D 24 26.48 22.84 -25.57
CA ILE D 24 26.83 21.43 -25.37
C ILE D 24 26.06 20.79 -24.21
N GLN D 25 25.58 19.57 -24.44
CA GLN D 25 24.81 18.82 -23.44
C GLN D 25 25.45 17.45 -23.18
N SER D 26 25.20 16.89 -21.99
CA SER D 26 25.81 15.60 -21.62
C SER D 26 24.86 14.74 -20.78
N ARG D 27 24.87 13.43 -21.02
CA ARG D 27 24.07 12.47 -20.25
C ARG D 27 24.47 12.50 -18.78
N ASN D 28 23.49 12.38 -17.88
CA ASN D 28 23.78 12.35 -16.45
C ASN D 28 24.15 10.99 -15.91
N TRP D 29 24.90 10.97 -14.82
CA TRP D 29 25.05 9.79 -13.99
C TRP D 29 23.71 9.46 -13.33
N TYR D 30 23.48 8.18 -13.03
CA TYR D 30 22.29 7.77 -12.27
C TYR D 30 22.49 8.04 -10.79
N LEU D 31 21.39 8.19 -10.06
CA LEU D 31 21.46 8.43 -8.62
C LEU D 31 21.75 7.14 -7.86
N SER D 32 22.28 7.29 -6.65
CA SER D 32 22.51 6.17 -5.73
C SER D 32 21.18 5.64 -5.18
N ASP D 33 21.24 4.52 -4.46
CA ASP D 33 20.05 3.91 -3.86
C ASP D 33 19.22 4.90 -3.03
N SER D 34 19.88 5.58 -2.09
CA SER D 34 19.20 6.48 -1.15
C SER D 34 18.75 7.80 -1.78
N GLN D 35 19.59 8.36 -2.65
CA GLN D 35 19.29 9.65 -3.27
C GLN D 35 18.11 9.56 -4.25
N TRP D 36 17.96 8.40 -4.90
CA TRP D 36 16.85 8.15 -5.83
C TRP D 36 15.52 7.98 -5.10
N ALA D 37 15.54 7.29 -3.97
CA ALA D 37 14.35 7.14 -3.13
C ALA D 37 13.81 8.50 -2.67
N ALA D 38 14.73 9.41 -2.35
CA ALA D 38 14.37 10.75 -1.88
C ALA D 38 13.96 11.68 -3.02
N PHE D 39 14.40 11.34 -4.23
CA PHE D 39 14.15 12.16 -5.41
C PHE D 39 12.66 12.34 -5.71
N LYS D 40 12.29 13.56 -6.12
CA LYS D 40 10.94 13.86 -6.60
C LYS D 40 11.04 14.29 -8.05
N ASP D 41 10.00 14.00 -8.83
CA ASP D 41 10.02 14.37 -10.25
C ASP D 41 9.44 15.76 -10.53
N ASP D 42 9.05 16.47 -9.48
CA ASP D 42 8.74 17.90 -9.57
C ASP D 42 10.01 18.72 -9.70
N GLU D 43 11.14 18.10 -9.37
CA GLU D 43 12.48 18.63 -9.65
C GLU D 43 12.67 18.82 -11.14
N ILE D 44 12.16 17.85 -11.91
CA ILE D 44 12.24 17.85 -13.39
C ILE D 44 11.15 18.75 -13.99
N THR D 45 9.92 18.61 -13.49
CA THR D 45 8.78 19.37 -14.01
C THR D 45 8.80 20.83 -13.52
N SER D 46 9.01 21.74 -14.48
CA SER D 46 9.09 23.18 -14.22
C SER D 46 7.71 23.77 -13.90
MG MG E . -15.93 -8.27 19.86
PG ATP F . -17.96 -10.59 20.83
O1G ATP F . -17.82 -10.16 22.27
O2G ATP F . -17.58 -9.55 19.81
O3G ATP F . -19.23 -11.35 20.51
PB ATP F . -15.31 -11.46 21.11
O1B ATP F . -15.00 -9.99 20.91
O2B ATP F . -14.49 -12.51 20.42
O3B ATP F . -16.84 -11.73 20.68
PA ATP F . -14.17 -11.17 23.61
O1A ATP F . -14.61 -9.78 24.03
O2A ATP F . -12.84 -11.33 22.92
O3A ATP F . -15.33 -11.78 22.67
O5' ATP F . -14.21 -12.16 24.88
C5' ATP F . -15.38 -12.25 25.69
C4' ATP F . -14.98 -12.16 27.16
O4' ATP F . -14.04 -13.20 27.46
C3' ATP F . -14.30 -10.83 27.49
O3' ATP F . -14.96 -10.21 28.58
C2' ATP F . -12.87 -11.19 27.85
O2' ATP F . -12.39 -10.43 28.95
C1' ATP F . -12.96 -12.66 28.22
N9 ATP F . -11.71 -13.39 27.95
C8 ATP F . -11.03 -13.44 26.79
N7 ATP F . -9.92 -14.22 26.91
C5 ATP F . -9.89 -14.69 28.16
C6 ATP F . -9.01 -15.57 28.94
N6 ATP F . -7.89 -16.11 28.40
N1 ATP F . -9.34 -15.82 30.24
C2 ATP F . -10.44 -15.28 30.81
N3 ATP F . -11.29 -14.47 30.15
C4 ATP F . -11.07 -14.14 28.84
MG MG G . 8.96 -7.63 -23.47
PG ATP H . 8.84 -9.96 -26.00
O1G ATP H . 9.38 -9.79 -27.40
O2G ATP H . 9.27 -8.89 -25.03
O3G ATP H . 8.93 -11.36 -25.44
PB ATP H . 6.47 -8.37 -26.15
O1B ATP H . 7.03 -7.55 -25.01
O2B ATP H . 5.01 -8.75 -26.15
O3B ATP H . 7.25 -9.78 -26.20
PA ATP H . 6.12 -6.20 -27.91
O1A ATP H . 7.25 -5.20 -27.94
O2A ATP H . 4.98 -5.89 -26.99
O3A ATP H . 6.77 -7.64 -27.56
O5' ATP H . 5.54 -6.35 -29.39
C5' ATP H . 6.29 -6.96 -30.45
C4' ATP H . 6.47 -6.02 -31.63
O4' ATP H . 5.21 -5.77 -32.27
C3' ATP H . 7.06 -4.67 -31.22
O3' ATP H . 8.19 -4.35 -32.04
C2' ATP H . 5.93 -3.67 -31.44
O2' ATP H . 6.44 -2.40 -31.88
C1' ATP H . 5.06 -4.36 -32.49
N9 ATP H . 3.64 -3.95 -32.42
C8 ATP H . 2.85 -3.93 -31.32
N7 ATP H . 1.60 -3.49 -31.63
C5 ATP H . 1.58 -3.21 -32.94
C6 ATP H . 0.58 -2.72 -33.92
N6 ATP H . -0.68 -2.41 -33.53
N1 ATP H . 0.97 -2.56 -35.21
C2 ATP H . 2.23 -2.85 -35.61
N3 ATP H . 3.19 -3.32 -34.78
C4 ATP H . 2.93 -3.51 -33.46
#